data_8E1E
#
_entry.id   8E1E
#
_cell.length_a   234.092
_cell.length_b   234.092
_cell.length_c   234.092
_cell.angle_alpha   90.000
_cell.angle_beta   90.000
_cell.angle_gamma   90.000
#
_symmetry.space_group_name_H-M   'I 2 3'
#
_entity_poly.entity_id   1
_entity_poly.type   'polypeptide(L)'
_entity_poly.pdbx_seq_one_letter_code
;GSENLYFQGSGSEELEKQALVYAVQVLLIALRAILQGDEKLFKLAEWAVELAIKALQNGDERQVQRAILFMQAVILIQIV
KEIAEEARKQGDEKLFELARWAIELAEKAIERGDEESVKRAILFMQAVILIQIVKKIAEKAKRQGDDKLFKLAEWAIELA
ERAIEEGDEEKVKRAILFMEAVILIQLVKEIAKKAKEQGDEELFQRAEEAIKDAEKAIEEGDEEKVKEAIKKMKEVIRIQ
ERK
;
_entity_poly.pdbx_strand_id   A,B,C
#
# COMPACT_ATOMS: atom_id res chain seq x y z
N SER A 12 -5.16 16.94 8.66
CA SER A 12 -5.71 16.10 9.73
C SER A 12 -5.41 14.62 9.48
N GLU A 13 -5.88 13.76 10.39
CA GLU A 13 -5.68 12.31 10.21
C GLU A 13 -6.46 11.79 9.02
N GLU A 14 -7.64 12.36 8.75
CA GLU A 14 -8.43 11.90 7.62
C GLU A 14 -7.73 12.19 6.31
N LEU A 15 -6.91 13.25 6.26
CA LEU A 15 -6.17 13.56 5.05
C LEU A 15 -5.07 12.55 4.78
N GLU A 16 -4.42 12.06 5.84
CA GLU A 16 -3.32 11.10 5.67
C GLU A 16 -3.82 9.68 5.36
N LYS A 17 -5.00 9.32 5.86
CA LYS A 17 -5.60 8.05 5.46
C LYS A 17 -6.04 8.10 4.00
N GLN A 18 -6.54 9.26 3.55
CA GLN A 18 -6.86 9.41 2.14
C GLN A 18 -5.62 9.34 1.27
N ALA A 19 -4.50 9.88 1.77
CA ALA A 19 -3.24 9.78 1.04
C ALA A 19 -2.76 8.33 0.94
N LEU A 20 -2.99 7.55 1.99
CA LEU A 20 -2.59 6.14 1.97
C LEU A 20 -3.51 5.33 1.06
N VAL A 21 -4.80 5.62 1.08
CA VAL A 21 -5.76 4.90 0.25
C VAL A 21 -5.49 5.18 -1.23
N TYR A 22 -5.31 6.46 -1.58
CA TYR A 22 -4.97 6.80 -2.96
C TYR A 22 -3.62 6.24 -3.37
N ALA A 23 -2.68 6.13 -2.42
CA ALA A 23 -1.39 5.56 -2.73
C ALA A 23 -1.52 4.09 -3.13
N VAL A 24 -2.24 3.31 -2.33
CA VAL A 24 -2.50 1.92 -2.67
C VAL A 24 -3.29 1.83 -3.97
N GLN A 25 -4.20 2.80 -4.19
CA GLN A 25 -5.00 2.81 -5.40
C GLN A 25 -4.16 3.05 -6.65
N VAL A 26 -3.21 3.99 -6.57
CA VAL A 26 -2.35 4.26 -7.73
C VAL A 26 -1.37 3.12 -7.95
N LEU A 27 -0.99 2.40 -6.89
CA LEU A 27 -0.07 1.28 -7.06
C LEU A 27 -0.70 0.15 -7.87
N LEU A 28 -2.00 -0.08 -7.70
CA LEU A 28 -2.69 -1.03 -8.56
C LEU A 28 -2.64 -0.57 -10.01
N ILE A 29 -2.80 0.73 -10.25
CA ILE A 29 -2.68 1.26 -11.60
C ILE A 29 -1.26 1.04 -12.12
N ALA A 30 -0.26 1.17 -11.25
CA ALA A 30 1.11 0.86 -11.66
C ALA A 30 1.27 -0.63 -11.93
N LEU A 31 0.55 -1.47 -11.19
CA LEU A 31 0.56 -2.90 -11.46
C LEU A 31 -0.13 -3.21 -12.79
N ARG A 32 -1.23 -2.51 -13.08
CA ARG A 32 -1.92 -2.69 -14.36
C ARG A 32 -1.07 -2.23 -15.53
N ALA A 33 -0.19 -1.25 -15.31
CA ALA A 33 0.67 -0.74 -16.37
C ALA A 33 1.63 -1.80 -16.89
N ILE A 34 2.05 -2.74 -16.03
CA ILE A 34 2.94 -3.81 -16.48
C ILE A 34 2.18 -4.80 -17.37
N LEU A 35 0.87 -4.94 -17.18
CA LEU A 35 0.09 -5.96 -17.87
C LEU A 35 -0.83 -5.40 -18.96
N GLN A 36 -0.93 -4.08 -19.09
CA GLN A 36 -1.66 -3.46 -20.18
C GLN A 36 -0.74 -2.74 -21.16
N GLY A 37 0.57 -2.79 -20.95
CA GLY A 37 1.56 -2.30 -21.90
C GLY A 37 2.04 -0.88 -21.72
N ASP A 38 1.47 -0.10 -20.80
CA ASP A 38 1.87 1.29 -20.66
C ASP A 38 3.03 1.39 -19.67
N GLU A 39 4.12 2.02 -20.09
CA GLU A 39 5.22 2.30 -19.17
C GLU A 39 5.26 3.75 -18.73
N LYS A 40 4.75 4.68 -19.55
CA LYS A 40 4.61 6.06 -19.11
C LYS A 40 3.76 6.14 -17.84
N LEU A 41 2.68 5.37 -17.80
CA LEU A 41 1.80 5.35 -16.64
C LEU A 41 2.52 4.85 -15.39
N PHE A 42 3.43 3.88 -15.55
CA PHE A 42 4.17 3.37 -14.41
C PHE A 42 5.06 4.45 -13.79
N LYS A 43 5.75 5.23 -14.63
CA LYS A 43 6.61 6.29 -14.12
C LYS A 43 5.79 7.37 -13.44
N LEU A 44 4.66 7.75 -14.04
CA LEU A 44 3.78 8.73 -13.41
C LEU A 44 3.24 8.21 -12.08
N ALA A 45 2.83 6.94 -12.05
CA ALA A 45 2.37 6.34 -10.80
C ALA A 45 3.47 6.34 -9.75
N GLU A 46 4.66 5.89 -10.14
CA GLU A 46 5.79 5.90 -9.21
C GLU A 46 6.09 7.31 -8.71
N TRP A 47 6.02 8.30 -9.60
CA TRP A 47 6.28 9.68 -9.22
C TRP A 47 5.25 10.16 -8.19
N ALA A 48 3.97 9.94 -8.46
CA ALA A 48 2.93 10.42 -7.56
C ALA A 48 2.97 9.71 -6.21
N VAL A 49 3.18 8.40 -6.22
CA VAL A 49 3.21 7.64 -4.97
C VAL A 49 4.45 8.00 -4.15
N GLU A 50 5.58 8.21 -4.82
CA GLU A 50 6.79 8.62 -4.10
C GLU A 50 6.60 9.98 -3.44
N LEU A 51 6.00 10.93 -4.17
CA LEU A 51 5.71 12.24 -3.58
C LEU A 51 4.75 12.11 -2.40
N ALA A 52 3.74 11.24 -2.53
CA ALA A 52 2.79 11.04 -1.44
C ALA A 52 3.46 10.44 -0.21
N ILE A 53 4.29 9.42 -0.40
CA ILE A 53 4.93 8.76 0.73
C ILE A 53 5.84 9.73 1.46
N LYS A 54 6.67 10.45 0.72
CA LYS A 54 7.56 11.43 1.35
C LYS A 54 6.79 12.66 1.85
N ALA A 55 5.61 12.93 1.28
CA ALA A 55 4.76 13.99 1.84
C ALA A 55 4.22 13.57 3.20
N LEU A 56 3.86 12.29 3.34
CA LEU A 56 3.35 11.82 4.63
C LEU A 56 4.46 11.80 5.66
N GLN A 57 5.69 11.48 5.23
CA GLN A 57 6.81 11.32 6.15
C GLN A 57 7.26 12.65 6.75
N ASN A 58 6.73 13.78 6.27
CA ASN A 58 7.03 15.08 6.85
C ASN A 58 5.81 15.76 7.46
N GLY A 59 4.62 15.17 7.35
CA GLY A 59 3.43 15.69 8.01
C GLY A 59 2.99 17.09 7.63
N ASP A 60 3.19 17.49 6.38
CA ASP A 60 2.81 18.83 5.93
C ASP A 60 1.45 18.79 5.25
N GLU A 61 0.69 19.88 5.39
CA GLU A 61 -0.69 19.88 4.96
C GLU A 61 -0.87 20.26 3.50
N ARG A 62 -0.08 21.20 2.99
CA ARG A 62 -0.20 21.57 1.57
C ARG A 62 0.40 20.51 0.66
N GLN A 63 1.57 19.97 1.01
CA GLN A 63 2.24 19.02 0.13
C GLN A 63 1.53 17.68 0.08
N VAL A 64 0.81 17.30 1.13
CA VAL A 64 0.00 16.08 1.06
C VAL A 64 -1.24 16.31 0.22
N GLN A 65 -1.86 17.48 0.38
CA GLN A 65 -2.93 17.89 -0.54
C GLN A 65 -2.41 17.92 -1.97
N ARG A 66 -1.17 18.38 -2.14
CA ARG A 66 -0.55 18.39 -3.47
C ARG A 66 -0.39 16.99 -4.01
N ALA A 67 0.18 16.09 -3.22
CA ALA A 67 0.42 14.72 -3.68
C ALA A 67 -0.91 13.99 -3.92
N ILE A 68 -1.93 14.31 -3.13
CA ILE A 68 -3.26 13.75 -3.38
C ILE A 68 -3.80 14.26 -4.72
N LEU A 69 -3.55 15.54 -5.01
CA LEU A 69 -3.96 16.10 -6.30
C LEU A 69 -3.23 15.40 -7.44
N PHE A 70 -1.96 15.06 -7.24
CA PHE A 70 -1.21 14.37 -8.29
C PHE A 70 -1.67 12.94 -8.45
N MET A 71 -1.96 12.25 -7.34
CA MET A 71 -2.51 10.91 -7.42
C MET A 71 -3.87 10.92 -8.10
N GLN A 72 -4.68 11.94 -7.82
CA GLN A 72 -5.95 12.10 -8.52
C GLN A 72 -5.71 12.25 -10.03
N ALA A 73 -4.68 13.00 -10.41
CA ALA A 73 -4.41 13.22 -11.82
C ALA A 73 -3.93 11.94 -12.51
N VAL A 74 -3.17 11.11 -11.81
CA VAL A 74 -2.70 9.86 -12.38
C VAL A 74 -3.87 8.89 -12.57
N ILE A 75 -4.77 8.81 -11.58
CA ILE A 75 -5.94 7.97 -11.72
C ILE A 75 -6.84 8.46 -12.85
N LEU A 76 -7.01 9.79 -12.93
CA LEU A 76 -7.82 10.36 -14.01
C LEU A 76 -7.20 10.08 -15.38
N ILE A 77 -5.88 10.12 -15.45
CA ILE A 77 -5.21 9.75 -16.70
C ILE A 77 -5.55 8.32 -17.08
N GLN A 78 -5.50 7.41 -16.12
CA GLN A 78 -5.87 6.02 -16.37
C GLN A 78 -7.30 5.90 -16.86
N ILE A 79 -8.22 6.66 -16.25
CA ILE A 79 -9.62 6.60 -16.65
C ILE A 79 -9.79 7.12 -18.06
N VAL A 80 -9.24 8.30 -18.33
CA VAL A 80 -9.40 8.91 -19.65
C VAL A 80 -8.63 8.12 -20.71
N LYS A 81 -7.59 7.38 -20.31
CA LYS A 81 -6.90 6.51 -21.26
C LYS A 81 -7.80 5.37 -21.71
N GLU A 82 -8.56 4.78 -20.79
CA GLU A 82 -9.51 3.75 -21.18
C GLU A 82 -10.68 4.33 -21.96
N ILE A 83 -11.07 5.57 -21.65
CA ILE A 83 -12.10 6.24 -22.41
C ILE A 83 -11.61 6.61 -23.80
N ALA A 84 -10.34 7.01 -23.93
CA ALA A 84 -9.80 7.36 -25.25
C ALA A 84 -9.70 6.13 -26.15
N GLU A 85 -9.30 4.98 -25.60
CA GLU A 85 -9.28 3.75 -26.38
C GLU A 85 -10.69 3.32 -26.76
N GLU A 86 -11.67 3.49 -25.86
CA GLU A 86 -13.05 3.14 -26.17
C GLU A 86 -13.61 4.03 -27.28
N ALA A 87 -13.22 5.31 -27.30
CA ALA A 87 -13.64 6.19 -28.38
C ALA A 87 -12.90 5.85 -29.67
N ARG A 88 -11.64 5.44 -29.54
CA ARG A 88 -10.89 4.95 -30.70
C ARG A 88 -11.53 3.71 -31.28
N LYS A 89 -12.03 2.81 -30.42
CA LYS A 89 -12.68 1.59 -30.89
C LYS A 89 -14.02 1.90 -31.56
N GLN A 90 -14.89 2.64 -30.86
CA GLN A 90 -16.25 2.89 -31.28
C GLN A 90 -16.36 4.00 -32.32
N GLY A 91 -15.25 4.35 -32.97
CA GLY A 91 -15.29 5.28 -34.08
C GLY A 91 -15.56 6.72 -33.69
N ASP A 92 -15.20 7.11 -32.48
CA ASP A 92 -15.31 8.50 -32.05
C ASP A 92 -13.89 9.07 -32.00
N GLU A 93 -13.41 9.48 -33.18
CA GLU A 93 -12.06 10.04 -33.27
C GLU A 93 -12.00 11.42 -32.61
N LYS A 94 -13.13 12.11 -32.57
CA LYS A 94 -13.20 13.44 -31.98
C LYS A 94 -13.07 13.35 -30.46
N LEU A 95 -13.87 12.48 -29.84
CA LEU A 95 -13.70 12.19 -28.42
C LEU A 95 -12.34 11.59 -28.13
N PHE A 96 -11.81 10.80 -29.08
CA PHE A 96 -10.47 10.22 -28.93
C PHE A 96 -9.41 11.31 -28.83
N GLU A 97 -9.48 12.31 -29.72
CA GLU A 97 -8.45 13.35 -29.74
C GLU A 97 -8.56 14.29 -28.54
N LEU A 98 -9.78 14.59 -28.10
CA LEU A 98 -9.94 15.44 -26.92
C LEU A 98 -9.48 14.73 -25.65
N ALA A 99 -9.78 13.44 -25.53
CA ALA A 99 -9.26 12.66 -24.41
C ALA A 99 -7.74 12.58 -24.49
N ARG A 100 -7.20 12.30 -25.69
CA ARG A 100 -5.76 12.27 -25.88
C ARG A 100 -5.13 13.61 -25.52
N TRP A 101 -5.80 14.71 -25.85
CA TRP A 101 -5.27 16.03 -25.51
C TRP A 101 -5.27 16.27 -24.00
N ALA A 102 -6.40 15.99 -23.34
CA ALA A 102 -6.47 16.15 -21.89
C ALA A 102 -5.51 15.20 -21.18
N ILE A 103 -5.25 14.03 -21.77
CA ILE A 103 -4.29 13.10 -21.17
C ILE A 103 -2.88 13.65 -21.28
N GLU A 104 -2.51 14.13 -22.46
CA GLU A 104 -1.15 14.63 -22.67
C GLU A 104 -0.91 15.88 -21.83
N LEU A 105 -1.91 16.75 -21.70
CA LEU A 105 -1.76 17.95 -20.88
C LEU A 105 -1.62 17.59 -19.41
N ALA A 106 -2.34 16.57 -18.94
CA ALA A 106 -2.19 16.12 -17.57
C ALA A 106 -0.81 15.55 -17.33
N GLU A 107 -0.34 14.69 -18.25
CA GLU A 107 1.01 14.14 -18.13
C GLU A 107 2.05 15.26 -18.05
N LYS A 108 1.95 16.24 -18.95
CA LYS A 108 2.88 17.37 -18.94
C LYS A 108 2.73 18.20 -17.67
N ALA A 109 1.48 18.49 -17.26
CA ALA A 109 1.28 19.31 -16.07
C ALA A 109 1.89 18.66 -14.84
N ILE A 110 1.86 17.32 -14.78
CA ILE A 110 2.57 16.62 -13.70
C ILE A 110 4.07 16.60 -13.98
N GLU A 111 4.44 16.33 -15.24
CA GLU A 111 5.85 16.36 -15.63
C GLU A 111 6.47 17.72 -15.34
N ARG A 112 5.72 18.80 -15.59
CA ARG A 112 6.20 20.14 -15.30
C ARG A 112 6.23 20.38 -13.80
N GLY A 113 5.26 19.83 -13.08
CA GLY A 113 5.08 20.09 -11.67
C GLY A 113 4.22 21.29 -11.39
N ASP A 114 3.62 21.87 -12.42
CA ASP A 114 2.80 23.05 -12.24
C ASP A 114 1.46 22.60 -11.70
N GLU A 115 1.20 22.87 -10.42
CA GLU A 115 -0.05 22.43 -9.82
C GLU A 115 -1.23 23.14 -10.47
N GLU A 116 -1.06 24.41 -10.83
CA GLU A 116 -2.14 25.15 -11.47
C GLU A 116 -2.41 24.61 -12.87
N SER A 117 -1.41 24.02 -13.52
CA SER A 117 -1.64 23.33 -14.79
C SER A 117 -2.25 21.96 -14.58
N VAL A 118 -1.99 21.33 -13.44
CA VAL A 118 -2.62 20.05 -13.13
C VAL A 118 -4.11 20.23 -12.88
N LYS A 119 -4.48 21.23 -12.06
CA LYS A 119 -5.90 21.55 -11.86
C LYS A 119 -6.60 21.82 -13.20
N ARG A 120 -5.93 22.54 -14.09
CA ARG A 120 -6.49 22.79 -15.43
C ARG A 120 -6.71 21.48 -16.17
N ALA A 121 -5.68 20.64 -16.25
CA ALA A 121 -5.79 19.38 -16.98
C ALA A 121 -6.75 18.42 -16.29
N ILE A 122 -6.78 18.42 -14.96
CA ILE A 122 -7.74 17.60 -14.23
C ILE A 122 -9.16 18.05 -14.56
N LEU A 123 -9.36 19.36 -14.63
CA LEU A 123 -10.67 19.89 -15.04
C LEU A 123 -11.01 19.40 -16.44
N PHE A 124 -10.03 19.40 -17.35
CA PHE A 124 -10.28 18.92 -18.70
C PHE A 124 -10.61 17.43 -18.73
N MET A 125 -9.92 16.64 -17.91
CA MET A 125 -10.15 15.19 -17.93
C MET A 125 -11.52 14.82 -17.39
N GLN A 126 -11.96 15.48 -16.32
CA GLN A 126 -13.32 15.25 -15.82
C GLN A 126 -14.38 15.65 -16.83
N ALA A 127 -14.16 16.80 -17.51
CA ALA A 127 -15.12 17.25 -18.51
C ALA A 127 -15.19 16.25 -19.66
N VAL A 128 -14.05 15.69 -20.06
CA VAL A 128 -14.03 14.67 -21.09
C VAL A 128 -14.78 13.43 -20.61
N ILE A 129 -14.56 13.04 -19.35
CA ILE A 129 -15.29 11.91 -18.78
C ILE A 129 -16.78 12.20 -18.76
N LEU A 130 -17.16 13.43 -18.41
CA LEU A 130 -18.57 13.79 -18.44
C LEU A 130 -19.13 13.76 -19.86
N ILE A 131 -18.28 14.03 -20.87
CA ILE A 131 -18.74 13.94 -22.25
C ILE A 131 -19.02 12.48 -22.63
N GLN A 132 -18.16 11.57 -22.17
CA GLN A 132 -18.42 10.14 -22.37
C GLN A 132 -19.75 9.73 -21.75
N ILE A 133 -20.11 10.33 -20.61
CA ILE A 133 -21.36 9.95 -19.94
C ILE A 133 -22.56 10.55 -20.64
N VAL A 134 -22.54 11.86 -20.92
CA VAL A 134 -23.70 12.52 -21.52
C VAL A 134 -23.99 11.94 -22.90
N LYS A 135 -22.95 11.48 -23.62
CA LYS A 135 -23.20 10.73 -24.84
C LYS A 135 -24.02 9.48 -24.56
N LYS A 136 -23.72 8.79 -23.45
CA LYS A 136 -24.45 7.59 -23.10
C LYS A 136 -25.89 7.88 -22.67
N ILE A 137 -26.16 9.03 -22.05
CA ILE A 137 -27.56 9.38 -21.77
C ILE A 137 -28.31 9.59 -23.09
N ALA A 138 -27.64 10.17 -24.09
CA ALA A 138 -28.25 10.24 -25.42
C ALA A 138 -28.46 8.85 -25.98
N GLU A 139 -27.47 7.96 -25.80
CA GLU A 139 -27.64 6.56 -26.19
C GLU A 139 -28.68 5.87 -25.33
N LYS A 140 -28.78 6.25 -24.05
CA LYS A 140 -29.87 5.75 -23.20
C LYS A 140 -31.21 6.19 -23.77
N ALA A 141 -31.28 7.41 -24.31
CA ALA A 141 -32.50 7.84 -24.99
C ALA A 141 -32.76 6.98 -26.21
N LYS A 142 -31.70 6.53 -26.89
CA LYS A 142 -31.90 5.59 -27.99
C LYS A 142 -32.39 4.25 -27.47
N ARG A 143 -31.88 3.83 -26.30
CA ARG A 143 -32.39 2.62 -25.66
C ARG A 143 -33.86 2.78 -25.26
N GLN A 144 -34.21 3.94 -24.70
CA GLN A 144 -35.57 4.23 -24.26
C GLN A 144 -36.37 4.78 -25.45
N GLY A 145 -37.50 5.43 -25.16
CA GLY A 145 -38.29 6.11 -26.17
C GLY A 145 -37.73 7.49 -26.45
N ASP A 146 -38.59 8.46 -26.74
CA ASP A 146 -38.11 9.83 -26.98
C ASP A 146 -38.88 10.79 -26.07
N ASP A 147 -38.13 11.61 -25.33
CA ASP A 147 -38.68 12.65 -24.45
C ASP A 147 -38.49 14.03 -25.08
N LYS A 148 -38.18 14.08 -26.37
CA LYS A 148 -37.81 15.26 -27.14
C LYS A 148 -36.42 15.65 -26.68
N LEU A 149 -36.19 16.93 -26.34
CA LEU A 149 -34.92 17.39 -25.81
C LEU A 149 -33.78 16.86 -26.69
N PHE A 150 -32.87 16.07 -26.14
CA PHE A 150 -31.80 15.41 -26.90
C PHE A 150 -30.84 16.43 -27.49
N LYS A 151 -31.36 17.49 -28.14
CA LYS A 151 -30.49 18.56 -28.58
C LYS A 151 -29.80 19.22 -27.40
N LEU A 152 -30.48 19.28 -26.24
CA LEU A 152 -29.89 19.87 -25.05
C LEU A 152 -28.64 19.09 -24.64
N ALA A 153 -28.78 17.76 -24.50
CA ALA A 153 -27.61 16.94 -24.19
C ALA A 153 -26.53 17.12 -25.25
N GLU A 154 -26.93 17.15 -26.52
CA GLU A 154 -25.99 17.44 -27.59
C GLU A 154 -25.43 18.85 -27.45
N TRP A 155 -26.27 19.79 -27.03
CA TRP A 155 -25.81 21.16 -26.81
C TRP A 155 -24.81 21.21 -25.67
N ALA A 156 -24.96 20.34 -24.67
CA ALA A 156 -24.00 20.30 -23.56
C ALA A 156 -22.72 19.58 -23.95
N ILE A 157 -22.83 18.51 -24.75
CA ILE A 157 -21.66 17.75 -25.17
C ILE A 157 -20.79 18.58 -26.11
N GLU A 158 -21.39 19.10 -27.17
CA GLU A 158 -20.63 19.86 -28.17
C GLU A 158 -20.22 21.24 -27.71
N LEU A 159 -20.77 21.74 -26.60
CA LEU A 159 -20.30 23.01 -26.05
C LEU A 159 -19.15 22.82 -25.08
N ALA A 160 -19.10 21.65 -24.42
CA ALA A 160 -17.93 21.32 -23.63
C ALA A 160 -16.76 21.02 -24.56
N GLU A 161 -17.04 20.41 -25.72
CA GLU A 161 -16.01 20.17 -26.72
C GLU A 161 -15.45 21.48 -27.26
N ARG A 162 -16.34 22.41 -27.63
CA ARG A 162 -15.90 23.76 -28.02
C ARG A 162 -15.18 24.48 -26.89
N ALA A 163 -15.48 24.13 -25.64
CA ALA A 163 -14.87 24.84 -24.51
C ALA A 163 -13.36 24.71 -24.50
N ILE A 164 -12.82 23.58 -24.96
CA ILE A 164 -11.38 23.43 -25.03
C ILE A 164 -10.78 24.29 -26.14
N GLU A 165 -11.53 24.53 -27.22
CA GLU A 165 -11.02 25.36 -28.31
C GLU A 165 -10.68 26.77 -27.85
N GLU A 166 -11.31 27.26 -26.78
CA GLU A 166 -10.99 28.58 -26.27
C GLU A 166 -10.19 28.54 -24.98
N GLY A 167 -10.35 27.52 -24.15
CA GLY A 167 -9.61 27.47 -22.89
C GLY A 167 -9.92 28.61 -21.95
N ASP A 168 -11.17 29.06 -21.92
CA ASP A 168 -11.54 30.26 -21.17
C ASP A 168 -11.67 29.91 -19.69
N GLU A 169 -10.97 30.69 -18.85
CA GLU A 169 -10.94 30.42 -17.42
C GLU A 169 -12.32 30.61 -16.78
N GLU A 170 -13.11 31.56 -17.26
CA GLU A 170 -14.47 31.75 -16.75
C GLU A 170 -15.47 30.89 -17.53
N LYS A 171 -15.03 29.69 -17.93
CA LYS A 171 -15.81 28.75 -18.73
C LYS A 171 -15.40 27.33 -18.33
N VAL A 172 -15.80 26.35 -19.14
CA VAL A 172 -15.47 24.94 -18.99
C VAL A 172 -16.13 24.39 -17.72
N LYS A 173 -16.03 25.13 -16.62
CA LYS A 173 -16.83 24.81 -15.44
C LYS A 173 -18.31 24.99 -15.74
N ARG A 174 -18.64 26.03 -16.51
CA ARG A 174 -20.01 26.22 -16.95
C ARG A 174 -20.47 25.04 -17.80
N ALA A 175 -19.59 24.54 -18.67
CA ALA A 175 -19.96 23.38 -19.48
C ALA A 175 -20.08 22.12 -18.65
N ILE A 176 -19.25 21.99 -17.60
CA ILE A 176 -19.41 20.88 -16.67
C ILE A 176 -20.73 21.00 -15.93
N LEU A 177 -21.16 22.24 -15.65
CA LEU A 177 -22.46 22.47 -15.02
C LEU A 177 -23.58 21.91 -15.88
N PHE A 178 -23.60 22.26 -17.18
CA PHE A 178 -24.64 21.77 -18.07
C PHE A 178 -24.60 20.25 -18.19
N MET A 179 -23.42 19.69 -18.44
CA MET A 179 -23.26 18.24 -18.49
C MET A 179 -23.74 17.58 -17.21
N GLU A 180 -23.42 18.17 -16.06
CA GLU A 180 -23.83 17.61 -14.78
C GLU A 180 -25.35 17.57 -14.66
N ALA A 181 -26.00 18.66 -15.05
CA ALA A 181 -27.47 18.70 -15.00
C ALA A 181 -28.07 17.72 -15.99
N VAL A 182 -27.45 17.56 -17.17
CA VAL A 182 -27.93 16.59 -18.14
C VAL A 182 -27.74 15.17 -17.61
N ILE A 183 -26.66 14.95 -16.86
CA ILE A 183 -26.47 13.66 -16.20
C ILE A 183 -27.53 13.48 -15.11
N LEU A 184 -27.94 14.57 -14.46
CA LEU A 184 -28.96 14.49 -13.43
C LEU A 184 -30.33 14.13 -13.99
N ILE A 185 -30.54 14.37 -15.29
CA ILE A 185 -31.77 13.93 -15.96
C ILE A 185 -31.97 12.42 -15.79
N GLN A 186 -30.86 11.67 -15.79
CA GLN A 186 -30.92 10.23 -15.57
C GLN A 186 -31.63 9.88 -14.26
N LEU A 187 -31.17 10.45 -13.14
CA LEU A 187 -31.73 10.09 -11.84
C LEU A 187 -33.14 10.59 -11.65
N VAL A 188 -33.39 11.88 -11.94
CA VAL A 188 -34.70 12.45 -11.63
C VAL A 188 -35.81 11.81 -12.47
N LYS A 189 -35.47 11.32 -13.67
CA LYS A 189 -36.46 10.62 -14.49
C LYS A 189 -36.62 9.14 -14.13
N GLU A 190 -35.55 8.45 -13.69
CA GLU A 190 -35.74 7.07 -13.27
C GLU A 190 -36.73 6.95 -12.11
N ILE A 191 -36.61 7.84 -11.12
CA ILE A 191 -37.56 7.84 -10.02
C ILE A 191 -38.92 8.34 -10.50
N ALA A 192 -38.94 9.29 -11.44
CA ALA A 192 -40.19 9.81 -11.99
C ALA A 192 -41.02 8.73 -12.67
N LYS A 193 -40.37 7.72 -13.25
CA LYS A 193 -41.11 6.64 -13.90
C LYS A 193 -42.01 5.90 -12.91
N LYS A 194 -41.52 5.67 -11.70
CA LYS A 194 -42.30 5.02 -10.65
C LYS A 194 -43.29 6.03 -10.08
N ALA A 195 -44.49 6.09 -10.69
CA ALA A 195 -45.58 6.94 -10.20
C ALA A 195 -46.87 6.61 -10.92
N LYS A 196 -47.40 5.41 -10.71
CA LYS A 196 -48.70 5.01 -11.25
C LYS A 196 -49.83 5.37 -10.31
N GLU A 197 -50.43 4.35 -9.67
CA GLU A 197 -51.55 4.58 -8.76
C GLU A 197 -51.04 5.01 -7.40
N GLN A 198 -49.90 4.48 -6.98
CA GLN A 198 -49.30 4.88 -5.72
C GLN A 198 -48.76 6.30 -5.81
N GLY A 199 -48.39 6.73 -7.02
CA GLY A 199 -47.73 8.01 -7.26
C GLY A 199 -46.63 8.35 -6.27
N ASP A 200 -45.40 7.93 -6.58
CA ASP A 200 -44.20 8.07 -5.75
C ASP A 200 -44.36 9.00 -4.55
N GLU A 201 -45.19 8.61 -3.58
CA GLU A 201 -45.45 9.34 -2.34
C GLU A 201 -46.24 10.63 -2.59
N GLU A 202 -46.56 10.96 -3.84
CA GLU A 202 -47.32 12.11 -4.33
C GLU A 202 -46.36 13.24 -4.66
N LEU A 203 -45.08 13.09 -4.35
CA LEU A 203 -44.08 14.09 -4.72
C LEU A 203 -43.57 13.87 -6.15
N PHE A 204 -44.48 13.57 -7.08
CA PHE A 204 -44.08 13.45 -8.47
C PHE A 204 -43.91 14.84 -9.06
N GLN A 205 -44.68 15.81 -8.55
CA GLN A 205 -44.52 17.20 -8.96
C GLN A 205 -43.10 17.69 -8.67
N ARG A 206 -42.55 17.34 -7.50
CA ARG A 206 -41.25 17.86 -7.11
C ARG A 206 -40.16 17.41 -8.09
N ALA A 207 -40.24 16.17 -8.57
CA ALA A 207 -39.34 15.74 -9.64
C ALA A 207 -39.63 16.50 -10.92
N GLU A 208 -40.91 16.66 -11.27
CA GLU A 208 -41.30 17.44 -12.45
C GLU A 208 -40.91 18.90 -12.30
N GLU A 209 -41.03 19.47 -11.09
CA GLU A 209 -40.60 20.85 -10.89
C GLU A 209 -39.09 20.96 -11.06
N ALA A 210 -38.35 19.93 -10.69
CA ALA A 210 -36.92 19.95 -10.90
C ALA A 210 -36.57 19.70 -12.36
N ILE A 211 -37.39 18.89 -13.06
CA ILE A 211 -37.15 18.62 -14.48
C ILE A 211 -37.41 19.86 -15.32
N LYS A 212 -38.62 20.43 -15.22
CA LYS A 212 -39.00 21.52 -16.10
C LYS A 212 -38.17 22.78 -15.86
N ASP A 213 -38.00 23.16 -14.59
CA ASP A 213 -37.22 24.35 -14.26
C ASP A 213 -35.72 24.17 -14.53
N ALA A 214 -35.26 22.94 -14.74
CA ALA A 214 -33.89 22.70 -15.18
C ALA A 214 -33.78 22.70 -16.70
N GLU A 215 -34.77 22.14 -17.40
CA GLU A 215 -34.74 22.11 -18.86
C GLU A 215 -34.64 23.52 -19.41
N LYS A 216 -35.50 24.43 -18.92
CA LYS A 216 -35.41 25.84 -19.33
C LYS A 216 -34.15 26.50 -18.81
N ALA A 217 -33.67 26.10 -17.62
CA ALA A 217 -32.47 26.70 -17.05
C ALA A 217 -31.23 26.43 -17.89
N ILE A 218 -31.04 25.19 -18.36
CA ILE A 218 -29.89 24.91 -19.21
C ILE A 218 -29.99 25.65 -20.53
N GLU A 219 -31.20 25.87 -21.03
CA GLU A 219 -31.38 26.70 -22.21
C GLU A 219 -31.10 28.16 -21.91
N GLU A 220 -31.42 28.60 -20.69
CA GLU A 220 -31.14 29.97 -20.29
C GLU A 220 -29.64 30.24 -20.14
N GLY A 221 -28.83 29.21 -19.94
CA GLY A 221 -27.41 29.42 -19.84
C GLY A 221 -26.99 30.18 -18.61
N ASP A 222 -27.74 30.07 -17.52
CA ASP A 222 -27.48 30.83 -16.32
C ASP A 222 -26.42 30.15 -15.46
N GLU A 223 -25.65 30.97 -14.73
CA GLU A 223 -24.68 30.49 -13.76
C GLU A 223 -25.00 30.94 -12.34
N GLU A 224 -26.16 31.56 -12.12
CA GLU A 224 -26.56 32.04 -10.80
C GLU A 224 -27.57 31.12 -10.14
N LYS A 225 -28.54 30.63 -10.92
CA LYS A 225 -29.64 29.84 -10.40
C LYS A 225 -29.69 28.42 -10.95
N VAL A 226 -28.90 28.10 -11.98
CA VAL A 226 -28.84 26.73 -12.47
C VAL A 226 -28.17 25.84 -11.43
N LYS A 227 -27.20 26.38 -10.69
CA LYS A 227 -26.65 25.64 -9.55
C LYS A 227 -27.74 25.34 -8.54
N GLU A 228 -28.64 26.30 -8.32
CA GLU A 228 -29.80 26.07 -7.46
C GLU A 228 -30.69 24.96 -8.01
N ALA A 229 -30.92 24.95 -9.32
CA ALA A 229 -31.71 23.88 -9.92
C ALA A 229 -31.04 22.52 -9.75
N ILE A 230 -29.70 22.47 -9.83
CA ILE A 230 -29.00 21.21 -9.62
C ILE A 230 -29.16 20.71 -8.19
N LYS A 231 -29.11 21.62 -7.22
CA LYS A 231 -29.25 21.21 -5.82
C LYS A 231 -30.68 20.77 -5.52
N LYS A 232 -31.67 21.42 -6.13
CA LYS A 232 -33.07 21.05 -5.92
C LYS A 232 -33.43 19.75 -6.63
N MET A 233 -32.72 19.38 -7.70
CA MET A 233 -32.87 18.03 -8.23
C MET A 233 -32.33 17.00 -7.23
N LYS A 234 -31.27 17.37 -6.51
CA LYS A 234 -30.73 16.50 -5.47
C LYS A 234 -31.69 16.38 -4.28
N GLU A 235 -32.50 17.40 -4.02
CA GLU A 235 -33.49 17.33 -2.96
C GLU A 235 -34.69 16.47 -3.38
N VAL A 236 -34.68 15.97 -4.60
CA VAL A 236 -35.60 14.92 -5.03
C VAL A 236 -34.94 13.56 -4.86
N ILE A 237 -33.63 13.51 -5.13
CA ILE A 237 -32.83 12.31 -4.89
C ILE A 237 -32.73 12.08 -3.39
N ARG A 238 -32.70 13.16 -2.61
CA ARG A 238 -32.53 13.08 -1.16
C ARG A 238 -33.59 12.19 -0.51
N ILE A 239 -34.85 12.30 -0.96
CA ILE A 239 -35.90 11.50 -0.34
C ILE A 239 -35.77 10.04 -0.76
N GLN A 240 -35.37 9.80 -2.01
CA GLN A 240 -35.09 8.43 -2.42
C GLN A 240 -33.83 7.88 -1.77
N GLU A 241 -32.91 8.75 -1.36
CA GLU A 241 -31.71 8.31 -0.66
C GLU A 241 -32.01 7.82 0.75
N ARG A 242 -33.22 8.08 1.27
CA ARG A 242 -33.63 7.51 2.54
C ARG A 242 -34.07 6.06 2.36
N LYS A 243 -34.81 5.78 1.28
CA LYS A 243 -35.32 4.46 1.02
C LYS A 243 -34.38 3.69 0.08
N SER B 12 -10.54 6.85 17.20
CA SER B 12 -9.79 6.17 16.15
C SER B 12 -10.15 4.69 16.06
N GLU B 13 -11.01 4.34 15.10
CA GLU B 13 -11.42 2.96 14.90
C GLU B 13 -10.24 2.15 14.35
N GLU B 14 -10.49 0.86 14.06
CA GLU B 14 -9.41 -0.03 13.65
C GLU B 14 -9.70 -0.95 12.47
N LEU B 15 -10.95 -1.28 12.16
CA LEU B 15 -11.21 -2.23 11.07
C LEU B 15 -10.72 -1.70 9.72
N GLU B 16 -10.73 -0.38 9.52
CA GLU B 16 -10.25 0.14 8.25
C GLU B 16 -8.73 0.01 8.16
N LYS B 17 -8.04 0.01 9.30
CA LYS B 17 -6.61 -0.28 9.30
C LYS B 17 -6.38 -1.74 8.93
N GLN B 18 -7.27 -2.64 9.35
CA GLN B 18 -7.17 -4.03 8.92
C GLN B 18 -7.38 -4.15 7.42
N ALA B 19 -8.30 -3.36 6.86
CA ALA B 19 -8.50 -3.36 5.42
C ALA B 19 -7.28 -2.82 4.68
N LEU B 20 -6.59 -1.84 5.28
CA LEU B 20 -5.40 -1.28 4.65
C LEU B 20 -4.24 -2.26 4.66
N VAL B 21 -4.08 -2.99 5.76
CA VAL B 21 -3.00 -3.98 5.86
C VAL B 21 -3.25 -5.13 4.89
N TYR B 22 -4.49 -5.61 4.82
CA TYR B 22 -4.83 -6.68 3.87
C TYR B 22 -4.64 -6.23 2.43
N ALA B 23 -4.84 -4.95 2.14
CA ALA B 23 -4.66 -4.45 0.78
C ALA B 23 -3.21 -4.59 0.34
N VAL B 24 -2.26 -4.14 1.17
CA VAL B 24 -0.85 -4.30 0.87
C VAL B 24 -0.48 -5.78 0.83
N GLN B 25 -1.11 -6.59 1.68
CA GLN B 25 -0.83 -8.02 1.70
C GLN B 25 -1.26 -8.67 0.39
N VAL B 26 -2.43 -8.29 -0.12
CA VAL B 26 -2.87 -8.83 -1.41
C VAL B 26 -2.04 -8.24 -2.54
N LEU B 27 -1.48 -7.04 -2.35
CA LEU B 27 -0.66 -6.41 -3.38
C LEU B 27 0.63 -7.19 -3.62
N LEU B 28 1.21 -7.76 -2.57
CA LEU B 28 2.37 -8.64 -2.75
C LEU B 28 2.00 -9.85 -3.60
N ILE B 29 0.82 -10.42 -3.37
CA ILE B 29 0.35 -11.53 -4.19
C ILE B 29 0.12 -11.05 -5.62
N ALA B 30 -0.35 -9.81 -5.77
CA ALA B 30 -0.54 -9.25 -7.11
C ALA B 30 0.79 -9.02 -7.82
N LEU B 31 1.84 -8.70 -7.07
CA LEU B 31 3.17 -8.62 -7.67
C LEU B 31 3.62 -9.98 -8.16
N ARG B 32 3.31 -11.03 -7.41
CA ARG B 32 3.66 -12.38 -7.82
C ARG B 32 2.85 -12.82 -9.04
N ALA B 33 1.59 -12.38 -9.14
CA ALA B 33 0.75 -12.74 -10.29
C ALA B 33 1.25 -12.08 -11.56
N ILE B 34 1.87 -10.90 -11.44
CA ILE B 34 2.38 -10.20 -12.61
C ILE B 34 3.57 -10.93 -13.23
N LEU B 35 4.30 -11.69 -12.42
CA LEU B 35 5.58 -12.27 -12.83
C LEU B 35 5.53 -13.78 -13.06
N GLN B 36 4.39 -14.43 -12.83
CA GLN B 36 4.23 -15.84 -13.14
C GLN B 36 3.34 -16.08 -14.34
N GLY B 37 2.84 -15.03 -14.98
CA GLY B 37 2.02 -15.19 -16.15
C GLY B 37 0.55 -15.34 -15.85
N ASP B 38 0.20 -15.41 -14.56
CA ASP B 38 -1.16 -15.65 -14.13
C ASP B 38 -1.88 -14.31 -14.05
N GLU B 39 -2.98 -14.19 -14.79
CA GLU B 39 -3.84 -13.01 -14.77
C GLU B 39 -5.11 -13.24 -13.96
N LYS B 40 -5.53 -14.49 -13.81
CA LYS B 40 -6.68 -14.81 -12.97
C LYS B 40 -6.50 -14.28 -11.55
N LEU B 41 -5.32 -14.54 -10.96
CA LEU B 41 -5.05 -14.05 -9.61
C LEU B 41 -4.96 -12.54 -9.57
N PHE B 42 -4.40 -11.93 -10.62
CA PHE B 42 -4.30 -10.47 -10.68
C PHE B 42 -5.69 -9.83 -10.69
N LYS B 43 -6.59 -10.38 -11.49
CA LYS B 43 -7.95 -9.84 -11.56
C LYS B 43 -8.67 -10.02 -10.23
N LEU B 44 -8.50 -11.18 -9.58
CA LEU B 44 -9.10 -11.40 -8.27
C LEU B 44 -8.49 -10.45 -7.24
N ALA B 45 -7.16 -10.31 -7.25
CA ALA B 45 -6.51 -9.37 -6.34
C ALA B 45 -6.96 -7.94 -6.60
N GLU B 46 -6.97 -7.53 -7.87
CA GLU B 46 -7.43 -6.20 -8.23
C GLU B 46 -8.87 -5.97 -7.78
N TRP B 47 -9.73 -6.97 -7.96
CA TRP B 47 -11.13 -6.83 -7.57
C TRP B 47 -11.25 -6.62 -6.06
N ALA B 48 -10.57 -7.44 -5.27
CA ALA B 48 -10.69 -7.35 -3.81
C ALA B 48 -10.09 -6.04 -3.28
N VAL B 49 -8.91 -5.66 -3.76
CA VAL B 49 -8.26 -4.46 -3.25
C VAL B 49 -9.03 -3.21 -3.68
N GLU B 50 -9.54 -3.20 -4.91
CA GLU B 50 -10.33 -2.06 -5.36
C GLU B 50 -11.61 -1.93 -4.54
N LEU B 51 -12.28 -3.05 -4.28
CA LEU B 51 -13.46 -3.03 -3.44
C LEU B 51 -13.13 -2.50 -2.05
N ALA B 52 -11.98 -2.90 -1.50
CA ALA B 52 -11.55 -2.39 -0.20
C ALA B 52 -11.27 -0.89 -0.25
N ILE B 53 -10.54 -0.45 -1.28
CA ILE B 53 -10.16 0.96 -1.37
C ILE B 53 -11.39 1.85 -1.49
N LYS B 54 -12.31 1.49 -2.37
CA LYS B 54 -13.50 2.31 -2.56
C LYS B 54 -14.45 2.22 -1.36
N ALA B 55 -14.40 1.13 -0.60
CA ALA B 55 -15.17 1.05 0.63
C ALA B 55 -14.59 1.98 1.70
N LEU B 56 -13.25 2.07 1.77
CA LEU B 56 -12.59 2.89 2.78
C LEU B 56 -12.79 4.39 2.53
N GLN B 57 -12.78 4.80 1.26
CA GLN B 57 -12.70 6.22 0.92
C GLN B 57 -13.95 7.00 1.31
N ASN B 58 -15.03 6.32 1.72
CA ASN B 58 -16.23 7.01 2.18
C ASN B 58 -16.56 6.70 3.63
N GLY B 59 -15.68 5.99 4.34
CA GLY B 59 -15.89 5.68 5.74
C GLY B 59 -17.04 4.74 6.04
N ASP B 60 -17.28 3.76 5.17
CA ASP B 60 -18.35 2.80 5.37
C ASP B 60 -17.75 1.58 6.05
N GLU B 61 -18.47 1.05 7.04
CA GLU B 61 -17.98 -0.05 7.86
C GLU B 61 -18.46 -1.42 7.37
N ARG B 62 -19.69 -1.48 6.85
CA ARG B 62 -20.22 -2.75 6.37
C ARG B 62 -19.51 -3.21 5.10
N GLN B 63 -19.16 -2.26 4.22
CA GLN B 63 -18.45 -2.60 2.99
C GLN B 63 -17.04 -3.07 3.27
N VAL B 64 -16.45 -2.64 4.39
CA VAL B 64 -15.11 -3.11 4.75
C VAL B 64 -15.15 -4.53 5.27
N GLN B 65 -16.18 -4.87 6.05
CA GLN B 65 -16.37 -6.26 6.46
C GLN B 65 -16.48 -7.17 5.24
N ARG B 66 -17.19 -6.71 4.20
CA ARG B 66 -17.25 -7.47 2.96
C ARG B 66 -15.88 -7.54 2.30
N ALA B 67 -15.22 -6.39 2.13
CA ALA B 67 -13.94 -6.36 1.44
C ALA B 67 -12.85 -7.10 2.21
N ILE B 68 -12.90 -7.08 3.55
CA ILE B 68 -11.97 -7.87 4.32
C ILE B 68 -12.21 -9.35 4.09
N LEU B 69 -13.47 -9.76 3.98
CA LEU B 69 -13.80 -11.15 3.67
C LEU B 69 -13.30 -11.55 2.27
N PHE B 70 -13.36 -10.63 1.31
CA PHE B 70 -12.91 -10.94 -0.05
C PHE B 70 -11.39 -10.97 -0.15
N MET B 71 -10.70 -10.03 0.51
CA MET B 71 -9.25 -10.04 0.49
C MET B 71 -8.70 -11.30 1.16
N GLN B 72 -9.35 -11.75 2.23
CA GLN B 72 -8.99 -13.03 2.84
C GLN B 72 -9.11 -14.19 1.85
N ALA B 73 -10.15 -14.16 1.01
CA ALA B 73 -10.34 -15.23 0.04
C ALA B 73 -9.27 -15.22 -1.06
N VAL B 74 -8.81 -14.03 -1.44
CA VAL B 74 -7.76 -13.92 -2.45
C VAL B 74 -6.43 -14.44 -1.88
N ILE B 75 -6.12 -14.08 -0.63
CA ILE B 75 -4.91 -14.59 0.00
C ILE B 75 -4.98 -16.10 0.16
N LEU B 76 -6.15 -16.61 0.57
CA LEU B 76 -6.31 -18.05 0.71
C LEU B 76 -6.16 -18.76 -0.63
N ILE B 77 -6.62 -18.11 -1.70
CA ILE B 77 -6.41 -18.67 -3.04
C ILE B 77 -4.92 -18.77 -3.33
N GLN B 78 -4.15 -17.73 -3.01
CA GLN B 78 -2.71 -17.76 -3.21
C GLN B 78 -2.08 -18.90 -2.41
N ILE B 79 -2.55 -19.11 -1.18
CA ILE B 79 -1.99 -20.17 -0.34
C ILE B 79 -2.29 -21.55 -0.92
N VAL B 80 -3.57 -21.81 -1.23
CA VAL B 80 -3.98 -23.13 -1.71
C VAL B 80 -3.46 -23.42 -3.13
N LYS B 81 -3.17 -22.38 -3.93
CA LYS B 81 -2.59 -22.60 -5.25
C LYS B 81 -1.17 -23.14 -5.16
N GLU B 82 -0.36 -22.60 -4.25
CA GLU B 82 0.99 -23.11 -4.04
C GLU B 82 0.98 -24.49 -3.37
N ILE B 83 -0.03 -24.76 -2.55
CA ILE B 83 -0.19 -26.09 -1.97
C ILE B 83 -0.53 -27.10 -3.06
N ALA B 84 -1.34 -26.68 -4.04
CA ALA B 84 -1.63 -27.54 -5.18
C ALA B 84 -0.38 -27.74 -6.03
N GLU B 85 0.44 -26.68 -6.18
CA GLU B 85 1.70 -26.82 -6.88
C GLU B 85 2.63 -27.78 -6.16
N GLU B 86 2.64 -27.73 -4.82
CA GLU B 86 3.43 -28.68 -4.04
C GLU B 86 2.90 -30.10 -4.17
N ALA B 87 1.58 -30.25 -4.33
CA ALA B 87 0.98 -31.57 -4.48
C ALA B 87 1.30 -32.21 -5.83
N ARG B 88 1.40 -31.40 -6.89
CA ARG B 88 1.77 -31.93 -8.20
C ARG B 88 3.15 -32.56 -8.18
N LYS B 89 4.08 -31.95 -7.43
CA LYS B 89 5.44 -32.49 -7.37
C LYS B 89 5.47 -33.85 -6.68
N GLN B 90 4.88 -33.94 -5.48
CA GLN B 90 4.95 -35.17 -4.70
C GLN B 90 3.93 -36.23 -5.12
N GLY B 91 3.27 -36.08 -6.27
CA GLY B 91 2.44 -37.17 -6.76
C GLY B 91 1.18 -37.45 -5.97
N ASP B 92 0.60 -36.43 -5.34
CA ASP B 92 -0.62 -36.59 -4.54
C ASP B 92 -1.80 -36.03 -5.34
N GLU B 93 -2.41 -36.89 -6.16
CA GLU B 93 -3.52 -36.45 -7.00
C GLU B 93 -4.77 -36.14 -6.18
N LYS B 94 -4.91 -36.74 -4.99
CA LYS B 94 -6.11 -36.52 -4.18
C LYS B 94 -6.12 -35.11 -3.58
N LEU B 95 -5.03 -34.72 -2.91
CA LEU B 95 -4.93 -33.36 -2.38
C LEU B 95 -4.91 -32.31 -3.48
N PHE B 96 -4.32 -32.63 -4.63
CA PHE B 96 -4.28 -31.69 -5.74
C PHE B 96 -5.68 -31.34 -6.23
N GLU B 97 -6.53 -32.36 -6.44
CA GLU B 97 -7.86 -32.10 -6.97
C GLU B 97 -8.76 -31.43 -5.94
N LEU B 98 -8.61 -31.77 -4.66
CA LEU B 98 -9.41 -31.11 -3.62
C LEU B 98 -9.02 -29.64 -3.48
N ALA B 99 -7.71 -29.36 -3.53
CA ALA B 99 -7.26 -27.98 -3.55
C ALA B 99 -7.75 -27.27 -4.80
N ARG B 100 -7.62 -27.92 -5.96
CA ARG B 100 -8.08 -27.35 -7.22
C ARG B 100 -9.56 -26.99 -7.17
N TRP B 101 -10.38 -27.82 -6.54
CA TRP B 101 -11.80 -27.52 -6.44
C TRP B 101 -12.03 -26.34 -5.51
N ALA B 102 -11.39 -26.35 -4.34
CA ALA B 102 -11.58 -25.26 -3.38
C ALA B 102 -11.13 -23.92 -3.96
N ILE B 103 -10.11 -23.93 -4.83
CA ILE B 103 -9.67 -22.69 -5.47
C ILE B 103 -10.69 -22.22 -6.49
N GLU B 104 -11.24 -23.14 -7.30
CA GLU B 104 -12.14 -22.76 -8.38
C GLU B 104 -13.43 -22.14 -7.85
N LEU B 105 -13.98 -22.67 -6.75
CA LEU B 105 -15.20 -22.09 -6.19
C LEU B 105 -14.94 -20.70 -5.62
N ALA B 106 -13.79 -20.50 -4.98
CA ALA B 106 -13.43 -19.18 -4.47
C ALA B 106 -13.26 -18.19 -5.61
N GLU B 107 -12.54 -18.60 -6.66
CA GLU B 107 -12.39 -17.75 -7.84
C GLU B 107 -13.74 -17.35 -8.40
N LYS B 108 -14.66 -18.30 -8.54
CA LYS B 108 -16.00 -18.00 -9.03
C LYS B 108 -16.72 -17.05 -8.09
N ALA B 109 -16.68 -17.35 -6.79
CA ALA B 109 -17.38 -16.53 -5.81
C ALA B 109 -16.82 -15.12 -5.76
N ILE B 110 -15.52 -14.94 -5.99
CA ILE B 110 -14.95 -13.60 -6.03
C ILE B 110 -15.30 -12.91 -7.35
N GLU B 111 -15.26 -13.64 -8.46
CA GLU B 111 -15.61 -13.05 -9.75
C GLU B 111 -17.02 -12.47 -9.73
N ARG B 112 -17.97 -13.19 -9.13
CA ARG B 112 -19.34 -12.70 -9.02
C ARG B 112 -19.50 -11.65 -7.91
N GLY B 113 -18.78 -11.81 -6.80
CA GLY B 113 -19.03 -11.00 -5.63
C GLY B 113 -19.98 -11.62 -4.63
N ASP B 114 -20.27 -12.91 -4.76
CA ASP B 114 -21.25 -13.61 -3.94
C ASP B 114 -20.69 -13.87 -2.54
N GLU B 115 -21.23 -13.17 -1.55
CA GLU B 115 -20.77 -13.31 -0.17
C GLU B 115 -21.03 -14.72 0.36
N GLU B 116 -22.17 -15.32 -0.02
CA GLU B 116 -22.54 -16.62 0.51
C GLU B 116 -21.65 -17.74 -0.01
N SER B 117 -21.12 -17.62 -1.23
CA SER B 117 -20.19 -18.62 -1.75
C SER B 117 -18.76 -18.40 -1.29
N VAL B 118 -18.37 -17.16 -0.97
CA VAL B 118 -17.02 -16.90 -0.47
C VAL B 118 -16.84 -17.50 0.92
N LYS B 119 -17.82 -17.30 1.81
CA LYS B 119 -17.79 -17.97 3.11
C LYS B 119 -17.65 -19.48 2.94
N ARG B 120 -18.42 -20.04 2.01
CA ARG B 120 -18.34 -21.46 1.72
C ARG B 120 -16.93 -21.85 1.26
N ALA B 121 -16.40 -21.14 0.27
CA ALA B 121 -15.10 -21.47 -0.28
C ALA B 121 -13.97 -21.23 0.70
N ILE B 122 -14.08 -20.19 1.54
CA ILE B 122 -13.05 -19.95 2.55
C ILE B 122 -12.98 -21.09 3.54
N LEU B 123 -14.14 -21.61 3.95
CA LEU B 123 -14.17 -22.77 4.84
C LEU B 123 -13.52 -23.99 4.20
N PHE B 124 -13.80 -24.24 2.92
CA PHE B 124 -13.18 -25.37 2.23
C PHE B 124 -11.67 -25.21 2.15
N MET B 125 -11.20 -23.98 1.89
CA MET B 125 -9.76 -23.74 1.84
C MET B 125 -9.14 -23.92 3.21
N GLN B 126 -9.88 -23.57 4.27
CA GLN B 126 -9.41 -23.82 5.62
C GLN B 126 -9.20 -25.31 5.87
N ALA B 127 -10.15 -26.14 5.41
CA ALA B 127 -10.03 -27.59 5.60
C ALA B 127 -8.87 -28.17 4.79
N VAL B 128 -8.67 -27.68 3.55
CA VAL B 128 -7.58 -28.19 2.73
C VAL B 128 -6.23 -27.89 3.36
N ILE B 129 -6.05 -26.66 3.85
CA ILE B 129 -4.79 -26.31 4.51
C ILE B 129 -4.59 -27.15 5.78
N LEU B 130 -5.67 -27.36 6.54
CA LEU B 130 -5.57 -28.20 7.73
C LEU B 130 -5.27 -29.65 7.38
N ILE B 131 -5.68 -30.12 6.20
CA ILE B 131 -5.32 -31.48 5.78
C ILE B 131 -3.82 -31.55 5.51
N GLN B 132 -3.25 -30.51 4.92
CA GLN B 132 -1.80 -30.45 4.74
C GLN B 132 -1.07 -30.54 6.09
N ILE B 133 -1.65 -29.95 7.13
CA ILE B 133 -1.01 -29.95 8.44
C ILE B 133 -1.16 -31.31 9.13
N VAL B 134 -2.39 -31.83 9.17
CA VAL B 134 -2.64 -33.11 9.83
C VAL B 134 -1.89 -34.24 9.13
N LYS B 135 -1.68 -34.13 7.82
CA LYS B 135 -0.84 -35.09 7.12
C LYS B 135 0.57 -35.13 7.73
N LYS B 136 1.14 -33.97 8.03
CA LYS B 136 2.47 -33.93 8.62
C LYS B 136 2.47 -34.46 10.05
N ILE B 137 1.39 -34.18 10.79
CA ILE B 137 1.27 -34.71 12.16
C ILE B 137 1.04 -36.22 12.12
N ALA B 138 0.27 -36.71 11.15
CA ALA B 138 0.08 -38.14 11.01
C ALA B 138 1.40 -38.84 10.70
N GLU B 139 2.21 -38.26 9.82
CA GLU B 139 3.51 -38.83 9.51
C GLU B 139 4.47 -38.73 10.70
N LYS B 140 4.35 -37.68 11.51
CA LYS B 140 5.17 -37.58 12.72
C LYS B 140 4.84 -38.68 13.72
N ALA B 141 3.55 -39.02 13.86
CA ALA B 141 3.16 -40.11 14.75
C ALA B 141 3.64 -41.46 14.22
N LYS B 142 3.62 -41.64 12.90
CA LYS B 142 4.09 -42.88 12.30
C LYS B 142 5.61 -43.04 12.42
N ARG B 143 6.36 -41.94 12.31
CA ARG B 143 7.82 -42.01 12.38
C ARG B 143 8.31 -42.52 13.74
N GLN B 144 7.82 -41.91 14.82
CA GLN B 144 8.28 -42.23 16.17
C GLN B 144 7.45 -43.31 16.86
N GLY B 145 6.82 -44.21 16.10
CA GLY B 145 6.12 -45.34 16.69
C GLY B 145 5.04 -44.99 17.70
N ASP B 146 4.00 -44.33 17.23
CA ASP B 146 2.86 -43.94 18.06
C ASP B 146 1.71 -44.91 17.83
N ASP B 147 1.10 -45.37 18.92
CA ASP B 147 -0.02 -46.30 18.82
C ASP B 147 -1.39 -45.64 18.96
N LYS B 148 -1.44 -44.30 18.97
CA LYS B 148 -2.72 -43.61 19.09
C LYS B 148 -2.85 -42.59 17.98
N LEU B 149 -2.37 -41.36 18.23
CA LEU B 149 -2.18 -40.30 17.24
C LEU B 149 -2.05 -40.80 15.81
N PHE B 150 -1.32 -41.90 15.62
CA PHE B 150 -1.22 -42.53 14.30
C PHE B 150 -2.60 -42.87 13.74
N LYS B 151 -3.41 -43.58 14.52
CA LYS B 151 -4.78 -43.86 14.08
C LYS B 151 -5.64 -42.61 14.07
N LEU B 152 -5.47 -41.72 15.06
CA LEU B 152 -6.31 -40.54 15.18
C LEU B 152 -6.13 -39.58 14.00
N ALA B 153 -4.89 -39.17 13.74
CA ALA B 153 -4.63 -38.23 12.66
C ALA B 153 -5.08 -38.79 11.31
N GLU B 154 -4.84 -40.07 11.06
CA GLU B 154 -5.30 -40.68 9.82
C GLU B 154 -6.82 -40.67 9.72
N TRP B 155 -7.51 -40.92 10.83
CA TRP B 155 -8.97 -40.86 10.84
C TRP B 155 -9.49 -39.45 10.60
N ALA B 156 -8.74 -38.43 11.04
CA ALA B 156 -9.17 -37.06 10.82
C ALA B 156 -8.99 -36.67 9.36
N ILE B 157 -7.93 -37.16 8.73
CA ILE B 157 -7.70 -36.92 7.31
C ILE B 157 -8.77 -37.61 6.49
N GLU B 158 -9.07 -38.86 6.81
CA GLU B 158 -10.02 -39.65 6.02
C GLU B 158 -11.46 -39.17 6.17
N LEU B 159 -11.78 -38.40 7.22
CA LEU B 159 -13.11 -37.81 7.33
C LEU B 159 -13.18 -36.37 6.80
N ALA B 160 -12.09 -35.61 6.86
CA ALA B 160 -12.09 -34.28 6.26
C ALA B 160 -12.11 -34.35 4.75
N GLU B 161 -11.36 -35.31 4.18
CA GLU B 161 -11.41 -35.53 2.74
C GLU B 161 -12.80 -35.99 2.32
N ARG B 162 -13.43 -36.83 3.15
CA ARG B 162 -14.79 -37.27 2.87
C ARG B 162 -15.74 -36.10 2.65
N ALA B 163 -15.61 -35.05 3.47
CA ALA B 163 -16.51 -33.91 3.37
C ALA B 163 -16.18 -33.04 2.15
N ILE B 164 -14.90 -32.88 1.84
CA ILE B 164 -14.51 -32.07 0.69
C ILE B 164 -14.78 -32.79 -0.63
N GLU B 165 -14.69 -34.12 -0.65
CA GLU B 165 -15.00 -34.89 -1.86
C GLU B 165 -16.43 -34.68 -2.33
N GLU B 166 -17.31 -34.20 -1.44
CA GLU B 166 -18.71 -33.98 -1.75
C GLU B 166 -19.03 -32.52 -2.04
N GLY B 167 -18.16 -31.60 -1.63
CA GLY B 167 -18.49 -30.18 -1.67
C GLY B 167 -19.59 -29.87 -0.68
N ASP B 168 -19.61 -30.60 0.43
CA ASP B 168 -20.64 -30.46 1.45
C ASP B 168 -20.26 -29.34 2.40
N GLU B 169 -21.09 -28.29 2.43
CA GLU B 169 -20.82 -27.16 3.32
C GLU B 169 -21.07 -27.53 4.78
N GLU B 170 -22.02 -28.42 5.04
CA GLU B 170 -22.43 -28.75 6.41
C GLU B 170 -21.55 -29.82 7.06
N LYS B 171 -21.31 -30.94 6.37
CA LYS B 171 -20.54 -32.01 6.99
C LYS B 171 -19.06 -31.65 7.14
N VAL B 172 -18.55 -30.72 6.32
CA VAL B 172 -17.17 -30.27 6.50
C VAL B 172 -17.04 -29.48 7.81
N LYS B 173 -18.06 -28.71 8.16
CA LYS B 173 -18.12 -28.03 9.45
C LYS B 173 -18.19 -29.00 10.62
N ARG B 174 -17.29 -29.98 10.66
CA ARG B 174 -17.22 -30.96 11.74
C ARG B 174 -15.85 -31.64 11.78
N ALA B 175 -15.30 -31.96 10.61
CA ALA B 175 -14.01 -32.63 10.53
C ALA B 175 -12.85 -31.71 10.93
N ILE B 176 -12.99 -30.40 10.69
CA ILE B 176 -11.98 -29.44 11.11
C ILE B 176 -11.81 -29.47 12.62
N LEU B 177 -12.89 -29.72 13.36
CA LEU B 177 -12.82 -29.86 14.81
C LEU B 177 -11.84 -30.95 15.23
N PHE B 178 -12.01 -32.15 14.67
CA PHE B 178 -11.09 -33.24 14.98
C PHE B 178 -9.67 -32.94 14.51
N MET B 179 -9.53 -32.42 13.28
CA MET B 179 -8.22 -32.05 12.77
C MET B 179 -7.50 -31.09 13.70
N GLU B 180 -8.23 -30.07 14.18
CA GLU B 180 -7.63 -29.11 15.10
C GLU B 180 -7.28 -29.76 16.43
N ALA B 181 -8.18 -30.60 16.95
CA ALA B 181 -7.92 -31.26 18.22
C ALA B 181 -6.74 -32.22 18.10
N VAL B 182 -6.60 -32.88 16.95
CA VAL B 182 -5.43 -33.73 16.72
C VAL B 182 -4.17 -32.87 16.61
N ILE B 183 -4.30 -31.66 16.07
CA ILE B 183 -3.16 -30.74 16.02
C ILE B 183 -2.82 -30.26 17.43
N LEU B 184 -3.84 -30.03 18.26
CA LEU B 184 -3.58 -29.54 19.62
C LEU B 184 -3.03 -30.64 20.53
N ILE B 185 -3.35 -31.91 20.27
CA ILE B 185 -2.74 -33.00 21.02
C ILE B 185 -1.22 -32.97 20.85
N GLN B 186 -0.77 -32.63 19.64
CA GLN B 186 0.67 -32.45 19.39
C GLN B 186 1.25 -31.41 20.35
N LEU B 187 0.58 -30.27 20.49
CA LEU B 187 1.10 -29.19 21.33
C LEU B 187 1.12 -29.59 22.80
N VAL B 188 -0.01 -30.10 23.32
CA VAL B 188 -0.09 -30.46 24.74
C VAL B 188 0.80 -31.66 25.05
N LYS B 189 1.12 -32.49 24.05
CA LYS B 189 2.07 -33.58 24.27
C LYS B 189 3.50 -33.07 24.30
N GLU B 190 3.79 -32.08 23.45
CA GLU B 190 5.08 -31.40 23.51
C GLU B 190 5.25 -30.68 24.84
N ILE B 191 4.16 -30.06 25.33
CA ILE B 191 4.23 -29.35 26.61
C ILE B 191 4.44 -30.33 27.76
N ALA B 192 3.75 -31.47 27.75
CA ALA B 192 3.97 -32.46 28.79
C ALA B 192 5.37 -33.06 28.71
N LYS B 193 5.88 -33.26 27.50
CA LYS B 193 7.25 -33.75 27.35
C LYS B 193 8.26 -32.74 27.84
N LYS B 194 8.02 -31.46 27.58
CA LYS B 194 8.88 -30.41 28.09
C LYS B 194 8.62 -30.12 29.57
N ALA B 195 7.43 -30.47 30.07
CA ALA B 195 7.13 -30.33 31.49
C ALA B 195 7.86 -31.36 32.33
N LYS B 196 8.50 -32.33 31.70
CA LYS B 196 9.40 -33.26 32.38
C LYS B 196 10.82 -32.71 32.40
N GLU B 197 11.15 -31.86 31.44
CA GLU B 197 12.48 -31.26 31.26
C GLU B 197 12.68 -29.99 32.09
N GLN B 198 11.64 -29.16 32.24
CA GLN B 198 11.81 -27.91 32.95
C GLN B 198 11.95 -28.10 34.46
N GLY B 199 11.35 -29.14 35.01
CA GLY B 199 11.26 -29.26 36.45
C GLY B 199 10.00 -28.69 37.06
N ASP B 200 9.04 -28.27 36.24
CA ASP B 200 7.81 -27.64 36.68
C ASP B 200 6.76 -28.69 37.04
N GLU B 201 5.82 -28.29 37.91
CA GLU B 201 4.73 -29.16 38.32
C GLU B 201 3.34 -28.63 38.04
N GLU B 202 3.20 -27.36 37.65
CA GLU B 202 1.89 -26.85 37.28
C GLU B 202 1.61 -27.01 35.81
N LEU B 203 2.66 -27.24 35.01
CA LEU B 203 2.52 -27.56 33.60
C LEU B 203 2.65 -29.05 33.31
N PHE B 204 2.97 -29.88 34.31
CA PHE B 204 3.13 -31.31 34.05
C PHE B 204 1.86 -32.13 34.35
N GLN B 205 1.24 -31.89 35.50
CA GLN B 205 0.01 -32.60 35.85
C GLN B 205 -1.14 -32.23 34.91
N ARG B 206 -1.36 -30.92 34.75
CA ARG B 206 -2.50 -30.41 33.99
C ARG B 206 -2.36 -30.62 32.48
N ALA B 207 -1.15 -30.56 31.94
CA ALA B 207 -0.98 -30.89 30.52
C ALA B 207 -1.34 -32.34 30.26
N GLU B 208 -0.89 -33.26 31.13
CA GLU B 208 -1.31 -34.65 31.03
C GLU B 208 -2.82 -34.79 31.22
N GLU B 209 -3.40 -33.94 32.07
CA GLU B 209 -4.85 -33.95 32.28
C GLU B 209 -5.60 -33.54 31.02
N ALA B 210 -5.03 -32.59 30.25
CA ALA B 210 -5.65 -32.13 29.00
C ALA B 210 -5.42 -33.09 27.84
N ILE B 211 -4.32 -33.84 27.85
CA ILE B 211 -4.00 -34.73 26.73
C ILE B 211 -5.08 -35.81 26.60
N LYS B 212 -5.33 -36.56 27.67
CA LYS B 212 -6.30 -37.64 27.59
C LYS B 212 -7.70 -37.10 27.31
N ASP B 213 -8.04 -35.95 27.91
CA ASP B 213 -9.37 -35.37 27.69
C ASP B 213 -9.60 -35.04 26.22
N ALA B 214 -8.53 -34.93 25.43
CA ALA B 214 -8.65 -34.88 23.98
C ALA B 214 -8.49 -36.27 23.36
N GLU B 215 -7.51 -37.04 23.83
CA GLU B 215 -7.30 -38.39 23.30
C GLU B 215 -8.49 -39.30 23.61
N LYS B 216 -8.96 -39.30 24.85
CA LYS B 216 -10.12 -40.13 25.18
C LYS B 216 -11.34 -39.67 24.40
N ALA B 217 -11.42 -38.39 24.07
CA ALA B 217 -12.49 -37.88 23.23
C ALA B 217 -12.46 -38.46 21.82
N ILE B 218 -12.01 -39.71 21.69
CA ILE B 218 -12.05 -40.43 20.41
C ILE B 218 -13.49 -40.63 19.97
N GLU B 219 -14.45 -40.47 20.87
CA GLU B 219 -15.87 -40.58 20.53
C GLU B 219 -16.15 -39.61 19.40
N GLU B 220 -16.22 -40.13 18.17
CA GLU B 220 -16.53 -39.32 17.00
C GLU B 220 -17.98 -38.86 16.95
N GLY B 221 -18.88 -39.56 17.61
CA GLY B 221 -20.26 -39.13 17.64
C GLY B 221 -20.51 -38.21 18.81
N ASP B 222 -19.45 -37.51 19.23
CA ASP B 222 -19.53 -36.63 20.39
C ASP B 222 -20.06 -35.27 20.00
N GLU B 223 -19.47 -34.65 18.97
CA GLU B 223 -19.94 -33.40 18.35
C GLU B 223 -20.28 -32.30 19.34
N GLU B 224 -19.86 -32.43 20.60
CA GLU B 224 -20.12 -31.40 21.61
C GLU B 224 -18.89 -31.16 22.49
N LYS B 225 -18.22 -32.23 22.91
CA LYS B 225 -17.12 -32.11 23.85
C LYS B 225 -15.78 -31.95 23.15
N VAL B 226 -15.74 -32.07 21.82
CA VAL B 226 -14.50 -31.78 21.09
C VAL B 226 -14.16 -30.29 21.23
N LYS B 227 -15.18 -29.43 21.29
CA LYS B 227 -14.92 -28.04 21.66
C LYS B 227 -14.38 -27.94 23.08
N GLU B 228 -14.97 -28.72 24.00
CA GLU B 228 -14.50 -28.73 25.38
C GLU B 228 -13.05 -29.22 25.49
N ALA B 229 -12.72 -30.29 24.76
CA ALA B 229 -11.32 -30.75 24.75
C ALA B 229 -10.40 -29.68 24.18
N ILE B 230 -10.88 -28.96 23.16
CA ILE B 230 -10.10 -27.87 22.58
C ILE B 230 -9.90 -26.76 23.61
N LYS B 231 -10.92 -26.46 24.39
CA LYS B 231 -10.83 -25.40 25.39
C LYS B 231 -9.93 -25.80 26.56
N LYS B 232 -9.97 -27.07 26.95
CA LYS B 232 -9.09 -27.51 28.04
C LYS B 232 -7.65 -27.62 27.57
N MET B 233 -7.43 -27.92 26.29
CA MET B 233 -6.10 -27.79 25.72
C MET B 233 -5.71 -26.31 25.59
N LYS B 234 -6.68 -25.44 25.31
CA LYS B 234 -6.41 -24.01 25.29
C LYS B 234 -6.06 -23.51 26.69
N GLU B 235 -6.63 -24.11 27.72
CA GLU B 235 -6.33 -23.72 29.09
C GLU B 235 -5.00 -24.26 29.59
N VAL B 236 -4.33 -25.09 28.79
CA VAL B 236 -2.96 -25.50 29.07
C VAL B 236 -1.95 -24.78 28.19
N ILE B 237 -2.25 -24.64 26.89
CA ILE B 237 -1.30 -24.02 25.97
C ILE B 237 -1.22 -22.50 26.17
N ARG B 238 -2.36 -21.85 26.35
CA ARG B 238 -2.39 -20.38 26.42
C ARG B 238 -1.57 -19.82 27.58
N ILE B 239 -1.52 -20.53 28.70
CA ILE B 239 -0.83 -20.00 29.88
C ILE B 239 0.68 -19.94 29.64
N GLN B 240 1.24 -20.88 28.89
CA GLN B 240 2.66 -20.82 28.53
C GLN B 240 2.96 -19.68 27.57
N GLU B 241 1.96 -19.19 26.82
CA GLU B 241 2.16 -18.05 25.94
C GLU B 241 2.42 -16.76 26.69
N ARG B 242 2.26 -16.75 28.02
CA ARG B 242 2.59 -15.59 28.83
C ARG B 242 4.10 -15.46 29.02
N LYS B 243 4.80 -16.58 29.22
CA LYS B 243 6.24 -16.59 29.42
C LYS B 243 6.78 -18.03 29.49
N SER C 12 1.49 3.70 20.67
CA SER C 12 0.95 4.83 19.93
C SER C 12 0.62 4.43 18.49
N GLU C 13 -0.50 4.96 17.98
CA GLU C 13 -0.94 4.69 16.61
C GLU C 13 -0.01 5.33 15.58
N GLU C 14 1.21 5.70 15.99
CA GLU C 14 2.16 6.33 15.09
C GLU C 14 3.22 5.36 14.58
N LEU C 15 3.57 4.35 15.38
CA LEU C 15 4.56 3.37 14.96
C LEU C 15 4.03 2.50 13.83
N GLU C 16 2.73 2.19 13.86
CA GLU C 16 2.11 1.38 12.83
C GLU C 16 1.86 2.19 11.55
N LYS C 17 1.70 3.51 11.67
CA LYS C 17 1.56 4.34 10.47
C LYS C 17 2.85 4.39 9.65
N GLN C 18 4.02 4.49 10.30
CA GLN C 18 5.26 4.38 9.53
C GLN C 18 5.46 2.96 9.02
N ALA C 19 5.01 1.95 9.76
CA ALA C 19 5.12 0.58 9.27
C ALA C 19 4.36 0.41 7.97
N LEU C 20 3.21 1.09 7.85
CA LEU C 20 2.45 1.06 6.60
C LEU C 20 3.09 1.94 5.54
N VAL C 21 3.58 3.13 5.93
CA VAL C 21 4.17 4.05 4.97
C VAL C 21 5.47 3.48 4.39
N TYR C 22 6.33 2.95 5.25
CA TYR C 22 7.55 2.32 4.77
C TYR C 22 7.24 1.09 3.92
N ALA C 23 6.15 0.40 4.20
CA ALA C 23 5.78 -0.77 3.41
C ALA C 23 5.48 -0.38 1.97
N VAL C 24 4.64 0.65 1.78
CA VAL C 24 4.36 1.14 0.44
C VAL C 24 5.62 1.71 -0.19
N GLN C 25 6.49 2.34 0.61
CA GLN C 25 7.72 2.87 0.08
C GLN C 25 8.64 1.77 -0.42
N VAL C 26 8.71 0.66 0.32
CA VAL C 26 9.51 -0.47 -0.13
C VAL C 26 8.83 -1.16 -1.32
N LEU C 27 7.51 -1.04 -1.43
CA LEU C 27 6.80 -1.65 -2.55
C LEU C 27 7.19 -1.00 -3.87
N LEU C 28 7.44 0.30 -3.87
CA LEU C 28 7.97 0.96 -5.07
C LEU C 28 9.32 0.39 -5.44
N ILE C 29 10.18 0.13 -4.44
CA ILE C 29 11.47 -0.48 -4.69
C ILE C 29 11.28 -1.89 -5.27
N ALA C 30 10.26 -2.60 -4.80
CA ALA C 30 9.98 -3.94 -5.34
C ALA C 30 9.53 -3.87 -6.79
N LEU C 31 8.80 -2.81 -7.17
CA LEU C 31 8.47 -2.62 -8.57
C LEU C 31 9.71 -2.28 -9.40
N ARG C 32 10.65 -1.52 -8.82
CA ARG C 32 11.89 -1.26 -9.52
C ARG C 32 12.71 -2.53 -9.68
N ALA C 33 12.66 -3.43 -8.70
CA ALA C 33 13.33 -4.72 -8.82
C ALA C 33 12.65 -5.59 -9.88
N ILE C 34 11.35 -5.40 -10.08
CA ILE C 34 10.63 -6.16 -11.09
C ILE C 34 11.05 -5.73 -12.50
N LEU C 35 11.47 -4.47 -12.66
CA LEU C 35 11.74 -3.91 -13.97
C LEU C 35 13.23 -3.72 -14.23
N GLN C 36 14.10 -4.01 -13.26
CA GLN C 36 15.54 -3.97 -13.47
C GLN C 36 16.18 -5.36 -13.47
N GLY C 37 15.40 -6.44 -13.32
CA GLY C 37 15.93 -7.77 -13.43
C GLY C 37 16.43 -8.38 -12.15
N ASP C 38 16.40 -7.65 -11.04
CA ASP C 38 17.00 -8.10 -9.79
C ASP C 38 16.01 -8.95 -9.01
N GLU C 39 16.46 -10.13 -8.57
CA GLU C 39 15.67 -11.01 -7.74
C GLU C 39 15.99 -10.92 -6.26
N LYS C 40 17.25 -10.63 -5.91
CA LYS C 40 17.59 -10.42 -4.50
C LYS C 40 16.84 -9.23 -3.92
N LEU C 41 16.84 -8.10 -4.64
CA LEU C 41 16.16 -6.91 -4.14
C LEU C 41 14.65 -7.11 -4.04
N PHE C 42 14.05 -7.81 -5.00
CA PHE C 42 12.62 -8.06 -4.93
C PHE C 42 12.27 -8.96 -3.74
N LYS C 43 13.04 -10.02 -3.54
CA LYS C 43 12.77 -10.93 -2.43
C LYS C 43 13.01 -10.26 -1.08
N LEU C 44 14.09 -9.48 -0.96
CA LEU C 44 14.34 -8.76 0.29
C LEU C 44 13.23 -7.74 0.56
N ALA C 45 12.81 -7.02 -0.48
CA ALA C 45 11.72 -6.06 -0.31
C ALA C 45 10.44 -6.75 0.13
N GLU C 46 10.08 -7.85 -0.55
CA GLU C 46 8.90 -8.61 -0.15
C GLU C 46 9.03 -9.13 1.28
N TRP C 47 10.23 -9.58 1.66
CA TRP C 47 10.45 -10.07 3.01
C TRP C 47 10.19 -8.99 4.04
N ALA C 48 10.73 -7.78 3.81
CA ALA C 48 10.55 -6.70 4.78
C ALA C 48 9.09 -6.27 4.87
N VAL C 49 8.42 -6.17 3.72
CA VAL C 49 7.01 -5.76 3.72
C VAL C 49 6.14 -6.83 4.34
N GLU C 50 6.47 -8.11 4.09
CA GLU C 50 5.71 -9.19 4.72
C GLU C 50 5.88 -9.17 6.23
N LEU C 51 7.11 -8.95 6.72
CA LEU C 51 7.32 -8.84 8.16
C LEU C 51 6.56 -7.66 8.75
N ALA C 52 6.49 -6.54 8.03
CA ALA C 52 5.73 -5.40 8.50
C ALA C 52 4.26 -5.74 8.62
N ILE C 53 3.71 -6.44 7.63
CA ILE C 53 2.30 -6.84 7.66
C ILE C 53 2.05 -7.78 8.83
N LYS C 54 2.95 -8.75 9.04
CA LYS C 54 2.77 -9.69 10.15
C LYS C 54 2.90 -8.98 11.49
N ALA C 55 3.68 -7.91 11.56
CA ALA C 55 3.76 -7.10 12.76
C ALA C 55 2.48 -6.31 12.98
N LEU C 56 1.90 -5.80 11.89
CA LEU C 56 0.71 -4.98 11.98
C LEU C 56 -0.51 -5.78 12.40
N GLN C 57 -0.61 -7.03 11.91
CA GLN C 57 -1.82 -7.84 12.06
C GLN C 57 -2.08 -8.28 13.49
N ASN C 58 -1.16 -8.07 14.42
CA ASN C 58 -1.38 -8.45 15.81
C ASN C 58 -1.41 -7.27 16.76
N GLY C 59 -1.27 -6.05 16.25
CA GLY C 59 -1.23 -4.90 17.14
C GLY C 59 -0.05 -4.99 18.07
N ASP C 60 1.04 -5.58 17.61
CA ASP C 60 2.25 -5.79 18.40
C ASP C 60 3.23 -4.67 18.12
N GLU C 61 3.90 -4.20 19.16
CA GLU C 61 4.73 -3.01 19.06
C GLU C 61 6.20 -3.34 18.77
N ARG C 62 6.75 -4.40 19.37
CA ARG C 62 8.17 -4.73 19.14
C ARG C 62 8.38 -5.27 17.75
N GLN C 63 7.41 -6.01 17.21
CA GLN C 63 7.53 -6.56 15.87
C GLN C 63 7.58 -5.46 14.81
N VAL C 64 6.95 -4.32 15.08
CA VAL C 64 6.99 -3.21 14.12
C VAL C 64 8.35 -2.53 14.15
N GLN C 65 8.95 -2.39 15.34
CA GLN C 65 10.33 -1.87 15.42
C GLN C 65 11.29 -2.74 14.61
N ARG C 66 11.13 -4.06 14.69
CA ARG C 66 11.98 -4.96 13.90
C ARG C 66 11.71 -4.81 12.41
N ALA C 67 10.43 -4.85 12.02
CA ALA C 67 10.08 -4.77 10.60
C ALA C 67 10.37 -3.39 10.01
N ILE C 68 10.24 -2.33 10.80
CA ILE C 68 10.63 -1.00 10.33
C ILE C 68 12.14 -0.95 10.08
N LEU C 69 12.91 -1.60 10.93
CA LEU C 69 14.36 -1.68 10.71
C LEU C 69 14.68 -2.44 9.44
N PHE C 70 13.89 -3.47 9.12
CA PHE C 70 14.15 -4.24 7.90
C PHE C 70 13.75 -3.45 6.66
N MET C 71 12.63 -2.74 6.72
CA MET C 71 12.23 -1.89 5.60
C MET C 71 13.21 -0.74 5.40
N GLN C 72 13.72 -0.17 6.50
CA GLN C 72 14.76 0.85 6.40
C GLN C 72 16.01 0.30 5.71
N ALA C 73 16.38 -0.94 6.03
CA ALA C 73 17.56 -1.52 5.42
C ALA C 73 17.35 -1.81 3.94
N VAL C 74 16.12 -2.19 3.56
CA VAL C 74 15.84 -2.44 2.14
C VAL C 74 15.88 -1.15 1.36
N ILE C 75 15.30 -0.07 1.91
CA ILE C 75 15.36 1.22 1.25
C ILE C 75 16.79 1.70 1.15
N LEU C 76 17.55 1.53 2.24
CA LEU C 76 18.95 1.95 2.23
C LEU C 76 19.77 1.14 1.23
N ILE C 77 19.47 -0.15 1.08
CA ILE C 77 20.15 -0.96 0.06
C ILE C 77 19.86 -0.39 -1.32
N GLN C 78 18.60 -0.05 -1.60
CA GLN C 78 18.24 0.54 -2.88
C GLN C 78 19.00 1.85 -3.11
N ILE C 79 19.13 2.68 -2.07
CA ILE C 79 19.83 3.95 -2.21
C ILE C 79 21.31 3.73 -2.47
N VAL C 80 21.96 2.90 -1.64
CA VAL C 80 23.40 2.69 -1.78
C VAL C 80 23.73 1.92 -3.05
N LYS C 81 22.79 1.11 -3.58
CA LYS C 81 23.04 0.43 -4.85
C LYS C 81 23.14 1.42 -6.00
N GLU C 82 22.24 2.40 -6.04
CA GLU C 82 22.31 3.42 -7.08
C GLU C 82 23.48 4.39 -6.81
N ILE C 83 23.82 4.62 -5.55
CA ILE C 83 24.99 5.43 -5.25
C ILE C 83 26.27 4.71 -5.67
N ALA C 84 26.31 3.38 -5.50
CA ALA C 84 27.46 2.62 -5.95
C ALA C 84 27.58 2.64 -7.48
N GLU C 85 26.44 2.57 -8.17
CA GLU C 85 26.45 2.72 -9.63
C GLU C 85 26.92 4.12 -10.02
N GLU C 86 26.49 5.13 -9.28
CA GLU C 86 26.92 6.50 -9.57
C GLU C 86 28.42 6.66 -9.33
N ALA C 87 28.96 5.98 -8.31
CA ALA C 87 30.39 6.08 -8.04
C ALA C 87 31.21 5.30 -9.06
N ARG C 88 30.73 4.14 -9.49
CA ARG C 88 31.41 3.40 -10.54
C ARG C 88 31.38 4.16 -11.86
N LYS C 89 30.26 4.83 -12.15
CA LYS C 89 30.16 5.61 -13.37
C LYS C 89 31.14 6.78 -13.37
N GLN C 90 31.10 7.60 -12.31
CA GLN C 90 31.87 8.82 -12.20
C GLN C 90 33.34 8.58 -11.80
N GLY C 91 33.83 7.35 -11.95
CA GLY C 91 35.23 7.04 -11.75
C GLY C 91 35.69 7.02 -10.31
N ASP C 92 34.80 6.71 -9.37
CA ASP C 92 35.17 6.53 -7.96
C ASP C 92 35.10 5.03 -7.69
N GLU C 93 36.19 4.33 -8.03
CA GLU C 93 36.20 2.87 -7.86
C GLU C 93 36.29 2.48 -6.40
N LYS C 94 36.88 3.32 -5.55
CA LYS C 94 36.98 3.00 -4.14
C LYS C 94 35.63 3.17 -3.45
N LEU C 95 34.96 4.30 -3.70
CA LEU C 95 33.61 4.48 -3.18
C LEU C 95 32.67 3.40 -3.69
N PHE C 96 32.90 2.91 -4.91
CA PHE C 96 32.12 1.80 -5.42
C PHE C 96 32.30 0.57 -4.53
N GLU C 97 33.56 0.25 -4.19
CA GLU C 97 33.81 -0.95 -3.39
C GLU C 97 33.31 -0.78 -1.96
N LEU C 98 33.40 0.44 -1.40
CA LEU C 98 32.91 0.66 -0.06
C LEU C 98 31.39 0.56 -0.01
N ALA C 99 30.70 1.14 -0.99
CA ALA C 99 29.25 1.00 -1.08
C ALA C 99 28.86 -0.45 -1.34
N ARG C 100 29.54 -1.09 -2.29
CA ARG C 100 29.28 -2.49 -2.59
C ARG C 100 29.48 -3.36 -1.35
N TRP C 101 30.48 -3.03 -0.53
CA TRP C 101 30.72 -3.78 0.70
C TRP C 101 29.60 -3.58 1.70
N ALA C 102 29.20 -2.32 1.93
CA ALA C 102 28.09 -2.06 2.84
C ALA C 102 26.79 -2.67 2.33
N ILE C 103 26.64 -2.77 1.01
CA ILE C 103 25.45 -3.37 0.43
C ILE C 103 25.41 -4.86 0.73
N GLU C 104 26.54 -5.54 0.51
CA GLU C 104 26.59 -6.98 0.76
C GLU C 104 26.41 -7.29 2.24
N LEU C 105 27.00 -6.45 3.10
CA LEU C 105 26.87 -6.67 4.54
C LEU C 105 25.42 -6.47 5.00
N ALA C 106 24.73 -5.48 4.44
CA ALA C 106 23.32 -5.27 4.77
C ALA C 106 22.48 -6.45 4.28
N GLU C 107 22.67 -6.85 3.02
CA GLU C 107 21.95 -8.00 2.48
C GLU C 107 22.18 -9.25 3.32
N LYS C 108 23.43 -9.48 3.73
CA LYS C 108 23.73 -10.64 4.57
C LYS C 108 22.98 -10.54 5.90
N ALA C 109 23.04 -9.37 6.55
CA ALA C 109 22.41 -9.20 7.86
C ALA C 109 20.90 -9.40 7.80
N ILE C 110 20.26 -9.04 6.69
CA ILE C 110 18.81 -9.26 6.56
C ILE C 110 18.51 -10.72 6.32
N GLU C 111 19.29 -11.36 5.43
CA GLU C 111 19.15 -12.80 5.22
C GLU C 111 19.39 -13.57 6.52
N ARG C 112 20.32 -13.08 7.35
CA ARG C 112 20.62 -13.72 8.62
C ARG C 112 19.48 -13.55 9.62
N GLY C 113 18.85 -12.39 9.64
CA GLY C 113 17.85 -12.08 10.63
C GLY C 113 18.35 -11.48 11.92
N ASP C 114 19.63 -11.11 11.99
CA ASP C 114 20.22 -10.53 13.19
C ASP C 114 19.82 -9.06 13.27
N GLU C 115 18.95 -8.73 14.23
CA GLU C 115 18.40 -7.37 14.29
C GLU C 115 19.46 -6.31 14.54
N GLU C 116 20.35 -6.55 15.50
CA GLU C 116 21.36 -5.54 15.80
C GLU C 116 22.47 -5.48 14.74
N SER C 117 22.69 -6.57 14.01
CA SER C 117 23.65 -6.50 12.91
C SER C 117 23.09 -5.71 11.74
N VAL C 118 21.77 -5.68 11.59
CA VAL C 118 21.15 -4.80 10.61
C VAL C 118 21.35 -3.34 11.03
N LYS C 119 21.16 -3.06 12.33
CA LYS C 119 21.49 -1.74 12.87
C LYS C 119 22.92 -1.37 12.52
N ARG C 120 23.85 -2.31 12.67
CA ARG C 120 25.24 -2.09 12.30
C ARG C 120 25.35 -1.75 10.82
N ALA C 121 24.77 -2.58 9.97
CA ALA C 121 24.86 -2.34 8.52
C ALA C 121 24.11 -1.07 8.11
N ILE C 122 23.01 -0.75 8.79
CA ILE C 122 22.30 0.50 8.49
C ILE C 122 23.18 1.71 8.78
N LEU C 123 23.94 1.66 9.88
CA LEU C 123 24.88 2.73 10.18
C LEU C 123 25.94 2.86 9.09
N PHE C 124 26.46 1.74 8.58
CA PHE C 124 27.47 1.78 7.53
C PHE C 124 26.91 2.46 6.27
N MET C 125 25.66 2.17 5.92
CA MET C 125 25.05 2.77 4.74
C MET C 125 24.82 4.26 4.94
N GLN C 126 24.50 4.68 6.17
CA GLN C 126 24.38 6.11 6.46
C GLN C 126 25.69 6.84 6.21
N ALA C 127 26.81 6.26 6.65
CA ALA C 127 28.11 6.89 6.45
C ALA C 127 28.49 6.94 4.97
N VAL C 128 28.19 5.88 4.22
CA VAL C 128 28.49 5.87 2.79
C VAL C 128 27.72 6.97 2.08
N ILE C 129 26.44 7.12 2.42
CA ILE C 129 25.64 8.18 1.83
C ILE C 129 26.20 9.54 2.22
N LEU C 130 26.62 9.69 3.49
CA LEU C 130 27.23 10.94 3.92
C LEU C 130 28.56 11.19 3.22
N ILE C 131 29.28 10.13 2.85
CA ILE C 131 30.51 10.32 2.09
C ILE C 131 30.20 10.85 0.69
N GLN C 132 29.13 10.33 0.08
CA GLN C 132 28.68 10.86 -1.21
C GLN C 132 28.36 12.34 -1.10
N ILE C 133 27.81 12.77 0.03
CA ILE C 133 27.42 14.17 0.19
C ILE C 133 28.65 15.05 0.44
N VAL C 134 29.50 14.66 1.38
CA VAL C 134 30.68 15.47 1.70
C VAL C 134 31.62 15.56 0.51
N LYS C 135 31.68 14.51 -0.31
CA LYS C 135 32.45 14.58 -1.55
C LYS C 135 31.94 15.69 -2.46
N LYS C 136 30.61 15.79 -2.62
CA LYS C 136 30.04 16.83 -3.48
C LYS C 136 30.23 18.20 -2.86
N ILE C 137 30.14 18.31 -1.54
CA ILE C 137 30.38 19.58 -0.88
C ILE C 137 31.85 19.98 -0.98
N ALA C 138 32.75 19.00 -0.84
CA ALA C 138 34.17 19.27 -0.99
C ALA C 138 34.51 19.73 -2.41
N GLU C 139 33.94 19.08 -3.42
CA GLU C 139 34.20 19.47 -4.80
C GLU C 139 33.59 20.83 -5.12
N LYS C 140 32.41 21.13 -4.56
CA LYS C 140 31.86 22.48 -4.72
C LYS C 140 32.72 23.50 -3.99
N ALA C 141 33.28 23.13 -2.84
CA ALA C 141 34.15 24.05 -2.11
C ALA C 141 35.45 24.32 -2.87
N LYS C 142 36.01 23.30 -3.51
CA LYS C 142 37.20 23.53 -4.34
C LYS C 142 36.83 24.32 -5.59
N ARG C 143 35.60 24.15 -6.08
CA ARG C 143 35.11 24.95 -7.20
C ARG C 143 35.14 26.43 -6.83
N GLN C 144 34.76 26.75 -5.60
CA GLN C 144 34.78 28.12 -5.10
C GLN C 144 36.16 28.52 -4.56
N GLY C 145 37.15 27.64 -4.68
CA GLY C 145 38.52 27.94 -4.33
C GLY C 145 38.86 27.84 -2.86
N ASP C 146 37.92 27.42 -2.01
CA ASP C 146 38.22 27.30 -0.58
C ASP C 146 39.08 26.08 -0.32
N ASP C 147 40.21 26.28 0.37
CA ASP C 147 41.07 25.17 0.76
C ASP C 147 41.02 24.84 2.25
N LYS C 148 40.17 25.52 3.03
CA LYS C 148 40.12 25.26 4.46
C LYS C 148 38.93 24.40 4.83
N LEU C 149 37.79 24.61 4.18
CA LEU C 149 36.69 23.65 4.28
C LEU C 149 36.99 22.43 3.45
N PHE C 150 37.67 22.64 2.32
CA PHE C 150 38.18 21.54 1.51
C PHE C 150 39.06 20.62 2.35
N LYS C 151 39.96 21.21 3.14
CA LYS C 151 40.78 20.41 4.06
C LYS C 151 39.91 19.65 5.05
N LEU C 152 38.87 20.31 5.58
CA LEU C 152 37.99 19.66 6.54
C LEU C 152 37.18 18.55 5.88
N ALA C 153 36.46 18.87 4.81
CA ALA C 153 35.63 17.87 4.14
C ALA C 153 36.46 16.70 3.64
N GLU C 154 37.63 16.98 3.05
CA GLU C 154 38.49 15.91 2.59
C GLU C 154 39.02 15.07 3.75
N TRP C 155 39.35 15.71 4.87
CA TRP C 155 39.81 14.96 6.03
C TRP C 155 38.68 14.12 6.63
N ALA C 156 37.42 14.56 6.48
CA ALA C 156 36.30 13.80 7.03
C ALA C 156 35.94 12.60 6.15
N ILE C 157 35.97 12.74 4.83
CA ILE C 157 35.72 11.58 3.97
C ILE C 157 36.86 10.58 4.08
N GLU C 158 38.10 11.07 4.04
CA GLU C 158 39.27 10.20 4.13
C GLU C 158 39.39 9.54 5.50
N LEU C 159 38.67 10.05 6.50
CA LEU C 159 38.58 9.40 7.81
C LEU C 159 37.40 8.47 7.91
N ALA C 160 36.29 8.76 7.22
CA ALA C 160 35.16 7.86 7.21
C ALA C 160 35.40 6.63 6.34
N GLU C 161 36.05 6.81 5.18
CA GLU C 161 36.37 5.67 4.33
C GLU C 161 37.36 4.73 5.01
N ARG C 162 38.39 5.27 5.66
CA ARG C 162 39.31 4.44 6.43
C ARG C 162 38.57 3.66 7.50
N ALA C 163 37.54 4.26 8.09
CA ALA C 163 36.77 3.57 9.13
C ALA C 163 35.98 2.42 8.54
N ILE C 164 35.47 2.59 7.31
CA ILE C 164 34.76 1.50 6.64
C ILE C 164 35.75 0.43 6.20
N GLU C 165 36.98 0.84 5.86
CA GLU C 165 38.03 -0.11 5.54
C GLU C 165 38.35 -1.03 6.71
N GLU C 166 38.04 -0.59 7.93
CA GLU C 166 38.23 -1.38 9.13
C GLU C 166 36.94 -2.01 9.65
N GLY C 167 35.79 -1.45 9.26
CA GLY C 167 34.51 -1.91 9.74
C GLY C 167 34.21 -1.69 11.21
N ASP C 168 34.74 -0.62 11.80
CA ASP C 168 34.51 -0.34 13.21
C ASP C 168 33.19 0.41 13.32
N GLU C 169 32.25 -0.15 14.07
CA GLU C 169 30.93 0.48 14.17
C GLU C 169 30.99 1.80 14.93
N GLU C 170 31.86 1.89 15.93
CA GLU C 170 31.96 3.12 16.72
C GLU C 170 32.93 4.13 16.12
N LYS C 171 33.61 3.79 15.05
CA LYS C 171 34.48 4.74 14.36
C LYS C 171 33.78 5.32 13.15
N VAL C 172 32.84 4.55 12.60
CA VAL C 172 31.93 5.06 11.58
C VAL C 172 30.96 6.05 12.21
N LYS C 173 30.52 5.77 13.43
CA LYS C 173 29.69 6.73 14.15
C LYS C 173 30.45 8.02 14.41
N ARG C 174 31.72 7.92 14.80
CA ARG C 174 32.53 9.11 15.00
C ARG C 174 32.72 9.88 13.69
N ALA C 175 32.94 9.16 12.59
CA ALA C 175 33.12 9.82 11.30
C ALA C 175 31.83 10.45 10.81
N ILE C 176 30.68 9.85 11.12
CA ILE C 176 29.39 10.46 10.77
C ILE C 176 29.22 11.79 11.50
N LEU C 177 29.73 11.89 12.73
CA LEU C 177 29.69 13.14 13.48
C LEU C 177 30.40 14.27 12.73
N PHE C 178 31.65 14.02 12.32
CA PHE C 178 32.42 15.03 11.61
C PHE C 178 31.78 15.37 10.26
N MET C 179 31.41 14.34 9.49
CA MET C 179 30.75 14.56 8.21
C MET C 179 29.48 15.40 8.36
N GLU C 180 28.70 15.15 9.42
CA GLU C 180 27.48 15.92 9.64
C GLU C 180 27.79 17.38 9.92
N ALA C 181 28.82 17.64 10.73
CA ALA C 181 29.19 19.03 11.02
C ALA C 181 29.75 19.72 9.79
N VAL C 182 30.49 18.99 8.95
CA VAL C 182 31.01 19.58 7.73
C VAL C 182 29.86 19.90 6.76
N ILE C 183 28.81 19.09 6.75
CA ILE C 183 27.65 19.39 5.91
C ILE C 183 26.92 20.62 6.43
N LEU C 184 26.82 20.77 7.76
CA LEU C 184 26.12 21.93 8.31
C LEU C 184 26.95 23.21 8.22
N ILE C 185 28.28 23.11 8.22
CA ILE C 185 29.11 24.29 8.00
C ILE C 185 28.80 24.93 6.66
N GLN C 186 28.53 24.11 5.64
CA GLN C 186 28.12 24.62 4.34
C GLN C 186 26.90 25.52 4.48
N LEU C 187 25.87 25.04 5.19
CA LEU C 187 24.64 25.81 5.35
C LEU C 187 24.90 27.09 6.12
N VAL C 188 25.58 26.97 7.27
CA VAL C 188 25.83 28.13 8.13
C VAL C 188 26.77 29.12 7.46
N LYS C 189 27.62 28.66 6.53
CA LYS C 189 28.49 29.59 5.81
C LYS C 189 27.72 30.35 4.74
N GLU C 190 26.80 29.67 4.06
CA GLU C 190 25.91 30.36 3.13
C GLU C 190 25.02 31.35 3.86
N ILE C 191 24.55 30.98 5.05
CA ILE C 191 23.70 31.89 5.83
C ILE C 191 24.50 33.11 6.28
N ALA C 192 25.76 32.90 6.69
CA ALA C 192 26.60 34.03 7.06
C ALA C 192 26.86 34.93 5.87
N LYS C 193 27.01 34.34 4.67
CA LYS C 193 27.22 35.13 3.47
C LYS C 193 26.00 35.98 3.13
N LYS C 194 24.79 35.41 3.26
CA LYS C 194 23.57 36.15 3.00
C LYS C 194 23.19 37.08 4.14
N ALA C 195 23.68 36.83 5.35
CA ALA C 195 23.42 37.74 6.46
C ALA C 195 24.19 39.05 6.32
N LYS C 196 25.09 39.15 5.33
CA LYS C 196 25.78 40.39 5.01
C LYS C 196 24.99 41.27 4.04
N GLU C 197 23.96 40.73 3.40
CA GLU C 197 23.23 41.46 2.37
C GLU C 197 22.11 42.33 2.93
N GLN C 198 21.39 41.85 3.94
CA GLN C 198 20.33 42.65 4.54
C GLN C 198 20.88 43.74 5.45
N GLY C 199 22.07 43.53 6.00
CA GLY C 199 22.57 44.37 7.06
C GLY C 199 22.29 43.83 8.45
N ASP C 200 21.77 42.60 8.54
CA ASP C 200 21.43 41.96 9.81
C ASP C 200 22.68 41.31 10.36
N GLU C 201 23.26 41.92 11.41
CA GLU C 201 24.45 41.37 12.02
C GLU C 201 24.14 40.46 13.21
N GLU C 202 22.89 40.40 13.65
CA GLU C 202 22.56 39.45 14.71
C GLU C 202 22.39 38.04 14.17
N LEU C 203 22.25 37.90 12.85
CA LEU C 203 22.27 36.62 12.17
C LEU C 203 23.64 36.29 11.60
N PHE C 204 24.47 37.30 11.35
CA PHE C 204 25.81 37.07 10.81
C PHE C 204 26.78 36.70 11.91
N GLN C 205 26.70 37.37 13.06
CA GLN C 205 27.52 37.00 14.21
C GLN C 205 27.18 35.59 14.69
N ARG C 206 25.88 35.26 14.75
CA ARG C 206 25.47 33.94 15.22
C ARG C 206 25.95 32.86 14.27
N ALA C 207 25.89 33.12 12.96
CA ALA C 207 26.41 32.18 11.98
C ALA C 207 27.93 32.09 12.05
N GLU C 208 28.62 33.23 12.16
CA GLU C 208 30.07 33.21 12.25
C GLU C 208 30.55 32.48 13.50
N GLU C 209 29.84 32.62 14.61
CA GLU C 209 30.21 31.90 15.82
C GLU C 209 30.01 30.40 15.67
N ALA C 210 28.98 29.98 14.91
CA ALA C 210 28.75 28.56 14.69
C ALA C 210 29.71 27.98 13.67
N ILE C 211 30.15 28.79 12.69
CA ILE C 211 31.13 28.31 11.72
C ILE C 211 32.45 28.04 12.42
N LYS C 212 32.97 29.04 13.14
CA LYS C 212 34.29 28.92 13.77
C LYS C 212 34.28 27.85 14.87
N ASP C 213 33.25 27.83 15.71
CA ASP C 213 33.19 26.85 16.78
C ASP C 213 32.97 25.43 16.26
N ALA C 214 32.53 25.28 15.00
CA ALA C 214 32.50 23.96 14.38
C ALA C 214 33.79 23.63 13.66
N GLU C 215 34.33 24.60 12.92
CA GLU C 215 35.61 24.40 12.24
C GLU C 215 36.72 24.16 13.25
N LYS C 216 36.79 24.98 14.31
CA LYS C 216 37.79 24.77 15.35
C LYS C 216 37.56 23.45 16.07
N ALA C 217 36.30 23.00 16.19
CA ALA C 217 36.03 21.71 16.81
C ALA C 217 36.67 20.58 16.00
N ILE C 218 36.51 20.62 14.67
CA ILE C 218 37.19 19.67 13.81
C ILE C 218 38.70 19.90 13.85
N GLU C 219 39.15 21.12 14.14
CA GLU C 219 40.58 21.37 14.25
C GLU C 219 41.16 20.64 15.45
N GLU C 220 40.45 20.65 16.58
CA GLU C 220 40.83 19.81 17.70
C GLU C 220 40.45 18.34 17.48
N GLY C 221 39.45 18.09 16.63
CA GLY C 221 39.01 16.74 16.32
C GLY C 221 38.37 16.03 17.48
N ASP C 222 37.76 16.77 18.41
CA ASP C 222 37.20 16.19 19.61
C ASP C 222 35.76 15.72 19.38
N GLU C 223 35.52 14.43 19.65
CA GLU C 223 34.18 13.85 19.63
C GLU C 223 33.14 14.67 20.41
N GLU C 224 33.56 15.48 21.37
CA GLU C 224 32.65 16.24 22.22
C GLU C 224 32.33 17.62 21.68
N LYS C 225 33.30 18.32 21.08
CA LYS C 225 33.08 19.71 20.69
C LYS C 225 32.30 19.84 19.40
N VAL C 226 32.19 18.75 18.63
CA VAL C 226 31.35 18.78 17.44
C VAL C 226 29.88 18.74 17.83
N LYS C 227 29.53 18.01 18.89
CA LYS C 227 28.15 18.01 19.37
C LYS C 227 27.70 19.39 19.82
N GLU C 228 28.55 20.10 20.56
CA GLU C 228 28.22 21.47 20.95
C GLU C 228 28.06 22.36 19.73
N ALA C 229 28.97 22.22 18.76
CA ALA C 229 28.89 22.99 17.53
C ALA C 229 27.61 22.66 16.76
N ILE C 230 27.18 21.40 16.79
CA ILE C 230 25.97 21.00 16.07
C ILE C 230 24.74 21.72 16.63
N LYS C 231 24.65 21.84 17.96
CA LYS C 231 23.50 22.50 18.55
C LYS C 231 23.53 24.01 18.31
N LYS C 232 24.72 24.62 18.36
CA LYS C 232 24.81 26.04 18.10
C LYS C 232 24.66 26.34 16.61
N MET C 233 25.06 25.39 15.75
CA MET C 233 24.70 25.50 14.33
C MET C 233 23.21 25.32 14.13
N LYS C 234 22.59 24.44 14.93
CA LYS C 234 21.15 24.26 14.83
C LYS C 234 20.39 25.52 15.26
N GLU C 235 20.94 26.29 16.20
CA GLU C 235 20.29 27.52 16.62
C GLU C 235 20.52 28.69 15.66
N VAL C 236 21.31 28.50 14.61
CA VAL C 236 21.41 29.47 13.53
C VAL C 236 20.56 29.07 12.34
N ILE C 237 20.51 27.77 12.02
CA ILE C 237 19.66 27.29 10.94
C ILE C 237 18.19 27.43 11.34
N ARG C 238 17.91 27.22 12.61
CA ARG C 238 16.58 27.42 13.17
C ARG C 238 16.05 28.84 12.88
N ILE C 239 16.93 29.84 12.93
CA ILE C 239 16.52 31.21 12.69
C ILE C 239 16.24 31.46 11.21
N GLN C 240 17.02 30.84 10.32
CA GLN C 240 16.71 30.97 8.90
C GLN C 240 15.47 30.17 8.52
N GLU C 241 15.18 29.09 9.25
CA GLU C 241 13.97 28.32 9.02
C GLU C 241 12.71 29.00 9.52
N ARG C 242 12.86 30.07 10.32
CA ARG C 242 11.69 30.82 10.79
C ARG C 242 11.13 31.75 9.71
N LYS C 243 11.98 32.27 8.84
CA LYS C 243 11.53 33.21 7.82
C LYS C 243 11.88 32.71 6.42
#